data_5TP4
#
_entry.id   5TP4
#
_cell.length_a   42.530
_cell.length_b   136.960
_cell.length_c   164.580
_cell.angle_alpha   90.000
_cell.angle_beta   90.000
_cell.angle_gamma   90.000
#
_symmetry.space_group_name_H-M   'P 21 21 21'
#
loop_
_entity.id
_entity.type
_entity.pdbx_description
1 polymer 'Amidase, hydantoinase/carbamoylase family'
2 non-polymer 'ZINC ION'
3 non-polymer '2-(N-MORPHOLINO)-ETHANESULFONIC ACID'
4 non-polymer 1,2-ETHANEDIOL
5 non-polymer 'FORMIC ACID'
6 water water
#
_entity_poly.entity_id   1
_entity_poly.type   'polypeptide(L)'
_entity_poly.pdbx_seq_one_letter_code
;MAHHHHHHMKDLLEIDGARLWRSLADMARIGATPRGGVRRLALTDDDRRGRDLFAQWCRDAGMTVSVDAVGNLFARRDGA
DAQAAPVLIGSHLDTQPEGGRFDGVYGVLAGLEVVRTLNDAGIVTDKPLEIVSWTNEEGARFAPAMLGSAVFTGALPLDD
ALARQDAEGITLGAALDACGCRGTRAPGGAVDAYFEAHIEQGPVLEANGTTIGIVTGGQAIRWLDVRVTGVAAHAGTTPM
PYRKDAYFASAQMALELERIVAGHAPRGLATIGQAGIRNASRNTIAGDVTFTVDLRHHDDAQVDAMERALRDACARVAAA
RGVQVAIDTCWRSPATPFDRGCVELVARAAEAFGYTNERIVSGAGHDAILLARRVPTAMVFIPCVDGLSHNEAEDALPDD
VTRGTNVLLNAVLARAGVATRVAAAAAAHDA
;
_entity_poly.pdbx_strand_id   A,B
#
# COMPACT_ATOMS: atom_id res chain seq x y z
N ASP A 11 26.79 -44.68 -27.49
CA ASP A 11 26.60 -45.45 -26.26
C ASP A 11 25.60 -44.75 -25.33
N LEU A 12 24.71 -43.94 -25.91
CA LEU A 12 23.82 -43.11 -25.12
C LEU A 12 22.52 -43.84 -24.85
N LEU A 13 22.20 -44.02 -23.58
CA LEU A 13 20.96 -44.64 -23.16
C LEU A 13 19.86 -43.58 -23.11
N GLU A 14 18.73 -43.87 -23.73
CA GLU A 14 17.62 -42.93 -23.77
C GLU A 14 16.45 -43.45 -22.96
N ILE A 15 15.72 -42.56 -22.31
CA ILE A 15 14.60 -42.98 -21.48
C ILE A 15 13.35 -43.14 -22.34
N ASP A 16 12.27 -43.64 -21.74
CA ASP A 16 10.97 -43.77 -22.40
C ASP A 16 10.20 -42.50 -22.05
N GLY A 17 10.26 -41.51 -22.96
CA GLY A 17 9.67 -40.21 -22.65
C GLY A 17 8.16 -40.27 -22.49
N ALA A 18 7.50 -41.09 -23.29
CA ALA A 18 6.05 -41.19 -23.21
C ALA A 18 5.64 -41.79 -21.88
N ARG A 19 6.39 -42.78 -21.41
CA ARG A 19 6.12 -43.40 -20.12
C ARG A 19 6.27 -42.39 -19.00
N LEU A 20 7.34 -41.59 -19.04
CA LEU A 20 7.52 -40.53 -18.04
C LEU A 20 6.39 -39.52 -18.11
N TRP A 21 5.99 -39.13 -19.34
CA TRP A 21 4.91 -38.15 -19.48
C TRP A 21 3.63 -38.69 -18.86
N ARG A 22 3.34 -39.98 -19.08
CA ARG A 22 2.13 -40.53 -18.51
CA ARG A 22 2.15 -40.60 -18.52
C ARG A 22 2.21 -40.64 -17.00
N SER A 23 3.39 -40.91 -16.43
CA SER A 23 3.47 -40.95 -14.97
C SER A 23 3.20 -39.57 -14.40
N LEU A 24 3.64 -38.52 -15.09
CA LEU A 24 3.36 -37.16 -14.66
C LEU A 24 1.87 -36.86 -14.80
N ALA A 25 1.24 -37.35 -15.87
CA ALA A 25 -0.20 -37.14 -15.99
C ALA A 25 -0.96 -37.87 -14.91
N ASP A 26 -0.53 -39.10 -14.59
CA ASP A 26 -1.26 -39.86 -13.58
C ASP A 26 -1.09 -39.24 -12.20
N MET A 27 0.12 -38.81 -11.86
CA MET A 27 0.34 -38.19 -10.56
C MET A 27 -0.38 -36.87 -10.45
N ALA A 28 -0.47 -36.09 -11.56
CA ALA A 28 -1.19 -34.82 -11.49
C ALA A 28 -2.67 -35.00 -11.19
N ARG A 29 -3.22 -36.22 -11.35
CA ARG A 29 -4.62 -36.44 -10.96
C ARG A 29 -4.81 -36.38 -9.45
N ILE A 30 -3.76 -36.69 -8.69
CA ILE A 30 -3.86 -36.83 -7.24
C ILE A 30 -3.81 -35.44 -6.62
N GLY A 31 -4.94 -34.96 -6.11
CA GLY A 31 -5.03 -33.59 -5.67
C GLY A 31 -5.36 -32.58 -6.76
N ALA A 32 -5.79 -33.04 -7.95
CA ALA A 32 -6.15 -32.11 -9.02
C ALA A 32 -7.12 -31.05 -8.53
N THR A 33 -6.84 -29.79 -8.91
CA THR A 33 -7.65 -28.65 -8.48
C THR A 33 -8.61 -28.23 -9.59
N PRO A 34 -9.66 -27.46 -9.26
CA PRO A 34 -10.59 -27.03 -10.31
C PRO A 34 -9.93 -26.28 -11.45
N ARG A 35 -8.82 -25.58 -11.20
CA ARG A 35 -8.13 -24.84 -12.25
C ARG A 35 -7.12 -25.69 -13.01
N GLY A 36 -7.05 -26.98 -12.74
CA GLY A 36 -6.14 -27.85 -13.47
C GLY A 36 -4.75 -27.92 -12.90
N GLY A 37 -4.54 -27.36 -11.72
CA GLY A 37 -3.30 -27.52 -10.98
C GLY A 37 -3.35 -28.71 -10.05
N VAL A 38 -2.51 -28.66 -9.02
CA VAL A 38 -2.37 -29.77 -8.09
C VAL A 38 -2.32 -29.22 -6.68
N ARG A 39 -3.06 -29.83 -5.76
CA ARG A 39 -2.97 -29.49 -4.33
C ARG A 39 -2.69 -30.77 -3.55
N ARG A 40 -1.43 -30.93 -3.13
CA ARG A 40 -1.01 -31.99 -2.20
C ARG A 40 -0.16 -31.27 -1.14
N LEU A 41 -0.84 -30.57 -0.24
CA LEU A 41 -0.14 -29.97 0.89
C LEU A 41 0.48 -31.04 1.78
N ALA A 42 1.69 -30.77 2.25
CA ALA A 42 2.46 -31.80 2.97
C ALA A 42 1.67 -32.50 4.08
N LEU A 43 1.70 -33.83 4.04
CA LEU A 43 1.16 -34.72 5.06
C LEU A 43 -0.36 -34.64 5.18
N THR A 44 -1.04 -34.03 4.20
CA THR A 44 -2.48 -34.19 4.10
C THR A 44 -2.80 -35.51 3.41
N ASP A 45 -4.09 -35.85 3.39
CA ASP A 45 -4.51 -37.09 2.73
C ASP A 45 -4.08 -37.14 1.27
N ASP A 46 -4.17 -36.03 0.54
CA ASP A 46 -3.71 -36.10 -0.85
C ASP A 46 -2.19 -36.21 -0.97
N ASP A 47 -1.43 -35.64 -0.04
CA ASP A 47 0.01 -35.89 -0.04
C ASP A 47 0.28 -37.37 0.20
N ARG A 48 -0.43 -37.97 1.17
CA ARG A 48 -0.28 -39.40 1.41
C ARG A 48 -0.61 -40.19 0.16
N ARG A 49 -1.68 -39.82 -0.56
CA ARG A 49 -2.05 -40.60 -1.74
C ARG A 49 -1.00 -40.47 -2.83
N GLY A 50 -0.37 -39.30 -2.97
CA GLY A 50 0.72 -39.17 -3.93
C GLY A 50 1.95 -39.96 -3.53
N ARG A 51 2.33 -39.87 -2.25
CA ARG A 51 3.43 -40.66 -1.72
C ARG A 51 3.21 -42.15 -1.99
N ASP A 52 2.00 -42.65 -1.70
CA ASP A 52 1.69 -44.05 -1.86
C ASP A 52 1.72 -44.48 -3.32
N LEU A 53 1.22 -43.64 -4.23
CA LEU A 53 1.30 -43.96 -5.65
C LEU A 53 2.75 -44.07 -6.10
N PHE A 54 3.57 -43.09 -5.75
CA PHE A 54 4.99 -43.15 -6.08
C PHE A 54 5.64 -44.40 -5.48
N ALA A 55 5.38 -44.69 -4.21
CA ALA A 55 5.98 -45.87 -3.57
C ALA A 55 5.60 -47.15 -4.31
N GLN A 56 4.34 -47.26 -4.72
CA GLN A 56 3.90 -48.46 -5.44
C GLN A 56 4.66 -48.61 -6.75
N TRP A 57 4.77 -47.51 -7.51
CA TRP A 57 5.49 -47.60 -8.76
C TRP A 57 6.93 -48.04 -8.51
N CYS A 58 7.52 -47.56 -7.40
CA CYS A 58 8.90 -47.88 -7.12
C CYS A 58 9.05 -49.37 -6.81
N ARG A 59 8.10 -49.90 -6.02
CA ARG A 59 8.14 -51.32 -5.71
C ARG A 59 7.89 -52.16 -6.96
N ASP A 60 6.97 -51.72 -7.83
CA ASP A 60 6.73 -52.43 -9.08
C ASP A 60 7.99 -52.47 -9.92
N ALA A 61 8.86 -51.47 -9.78
CA ALA A 61 10.16 -51.40 -10.46
C ALA A 61 11.26 -52.09 -9.68
N GLY A 62 10.91 -52.88 -8.67
CA GLY A 62 11.88 -53.71 -7.98
C GLY A 62 12.59 -53.04 -6.83
N MET A 63 12.22 -51.83 -6.47
CA MET A 63 12.92 -51.09 -5.43
C MET A 63 12.32 -51.39 -4.06
N THR A 64 13.11 -51.13 -3.01
CA THR A 64 12.59 -51.15 -1.65
C THR A 64 12.34 -49.71 -1.22
N VAL A 65 11.28 -49.50 -0.44
CA VAL A 65 10.83 -48.16 -0.08
C VAL A 65 10.74 -48.03 1.43
N SER A 66 11.21 -46.91 1.97
CA SER A 66 11.11 -46.66 3.41
C SER A 66 10.95 -45.17 3.64
N VAL A 67 10.50 -44.82 4.86
CA VAL A 67 10.46 -43.43 5.31
C VAL A 67 11.38 -43.28 6.50
N ASP A 68 11.96 -42.08 6.64
CA ASP A 68 12.70 -41.80 7.85
C ASP A 68 11.80 -41.12 8.89
N ALA A 69 12.40 -40.73 10.02
CA ALA A 69 11.65 -40.24 11.18
C ALA A 69 10.99 -38.88 10.95
N VAL A 70 11.26 -38.21 9.84
CA VAL A 70 10.54 -36.98 9.48
C VAL A 70 9.73 -37.18 8.19
N GLY A 71 9.52 -38.44 7.79
CA GLY A 71 8.68 -38.70 6.63
C GLY A 71 9.36 -38.63 5.28
N ASN A 72 10.66 -38.37 5.22
CA ASN A 72 11.32 -38.37 3.92
C ASN A 72 11.19 -39.76 3.31
N LEU A 73 10.84 -39.81 2.02
CA LEU A 73 10.44 -41.05 1.35
C LEU A 73 11.54 -41.50 0.39
N PHE A 74 12.14 -42.66 0.67
CA PHE A 74 13.32 -43.13 -0.06
C PHE A 74 13.02 -44.44 -0.77
N ALA A 75 13.33 -44.51 -2.06
CA ALA A 75 13.29 -45.76 -2.79
C ALA A 75 14.72 -46.16 -3.18
N ARG A 76 15.05 -47.44 -3.02
CA ARG A 76 16.43 -47.92 -3.13
C ARG A 76 16.56 -48.97 -4.21
N ARG A 77 17.60 -48.82 -5.04
CA ARG A 77 17.99 -49.79 -6.06
C ARG A 77 19.43 -50.13 -5.81
N ASP A 78 19.68 -51.31 -5.23
CA ASP A 78 21.03 -51.73 -4.88
C ASP A 78 21.95 -51.71 -6.08
N GLY A 79 23.22 -51.45 -5.80
CA GLY A 79 24.28 -51.65 -6.77
C GLY A 79 25.09 -52.89 -6.43
N ALA A 80 26.12 -53.11 -7.24
CA ALA A 80 27.00 -54.25 -7.02
C ALA A 80 27.90 -54.05 -5.80
N ASP A 81 28.16 -52.81 -5.41
CA ASP A 81 28.99 -52.52 -4.24
C ASP A 81 28.07 -52.36 -3.03
N ALA A 82 28.04 -53.38 -2.17
CA ALA A 82 27.13 -53.35 -1.03
C ALA A 82 27.55 -52.34 0.03
N GLN A 83 28.80 -51.89 0.05
CA GLN A 83 29.24 -50.94 1.07
C GLN A 83 29.24 -49.49 0.61
N ALA A 84 28.96 -49.21 -0.66
CA ALA A 84 29.06 -47.85 -1.17
C ALA A 84 27.87 -47.00 -0.75
N ALA A 85 28.15 -45.71 -0.53
CA ALA A 85 27.07 -44.76 -0.32
C ALA A 85 26.31 -44.55 -1.63
N PRO A 86 25.01 -44.22 -1.56
CA PRO A 86 24.21 -44.12 -2.78
C PRO A 86 24.38 -42.79 -3.50
N VAL A 87 24.11 -42.83 -4.81
CA VAL A 87 23.81 -41.62 -5.57
C VAL A 87 22.30 -41.40 -5.42
N LEU A 88 21.92 -40.22 -4.95
CA LEU A 88 20.55 -39.91 -4.58
C LEU A 88 19.96 -38.97 -5.62
N ILE A 89 18.81 -39.34 -6.17
CA ILE A 89 18.02 -38.50 -7.07
C ILE A 89 16.81 -38.02 -6.28
N GLY A 90 16.59 -36.70 -6.20
CA GLY A 90 15.53 -36.22 -5.33
C GLY A 90 14.76 -35.05 -5.91
N SER A 91 13.58 -34.84 -5.32
CA SER A 91 12.85 -33.56 -5.36
C SER A 91 11.72 -33.69 -4.36
N HIS A 92 10.51 -33.22 -4.69
CA HIS A 92 9.44 -33.30 -3.70
C HIS A 92 8.09 -33.49 -4.38
N LEU A 93 7.23 -34.27 -3.73
CA LEU A 93 5.88 -34.48 -4.25
C LEU A 93 4.86 -33.51 -3.66
N ASP A 94 5.15 -32.86 -2.53
CA ASP A 94 4.19 -31.92 -1.97
C ASP A 94 4.15 -30.62 -2.77
N THR A 95 3.07 -29.85 -2.56
CA THR A 95 2.84 -28.67 -3.39
C THR A 95 2.44 -27.46 -2.55
N GLN A 96 2.38 -26.32 -3.25
CA GLN A 96 1.68 -25.13 -2.77
C GLN A 96 0.16 -25.36 -2.75
N PRO A 97 -0.61 -24.48 -2.11
CA PRO A 97 -2.08 -24.64 -2.15
C PRO A 97 -2.64 -24.77 -3.55
N GLU A 98 -2.02 -24.10 -4.52
CA GLU A 98 -2.42 -24.18 -5.92
C GLU A 98 -1.14 -24.41 -6.70
N GLY A 99 -0.71 -25.67 -6.74
CA GLY A 99 0.57 -25.98 -7.34
C GLY A 99 0.47 -26.32 -8.82
N GLY A 100 1.61 -26.30 -9.47
CA GLY A 100 1.68 -26.73 -10.85
C GLY A 100 1.88 -28.24 -10.97
N ARG A 101 1.76 -28.73 -12.19
CA ARG A 101 1.87 -30.17 -12.46
C ARG A 101 3.29 -30.65 -12.65
N PHE A 102 4.30 -29.75 -12.63
CA PHE A 102 5.70 -30.14 -12.80
C PHE A 102 6.60 -29.79 -11.63
N ASP A 103 6.31 -28.73 -10.88
CA ASP A 103 7.19 -28.32 -9.80
C ASP A 103 7.35 -29.44 -8.79
N GLY A 104 8.60 -29.81 -8.48
CA GLY A 104 8.83 -30.88 -7.52
C GLY A 104 8.63 -32.28 -8.08
N VAL A 105 7.45 -32.52 -8.64
CA VAL A 105 7.11 -33.89 -9.05
C VAL A 105 7.97 -34.34 -10.22
N TYR A 106 8.30 -33.43 -11.14
CA TYR A 106 9.15 -33.82 -12.26
C TYR A 106 10.42 -34.54 -11.79
N GLY A 107 11.13 -33.97 -10.81
CA GLY A 107 12.40 -34.56 -10.40
C GLY A 107 12.25 -35.94 -9.77
N VAL A 108 11.16 -36.13 -9.01
CA VAL A 108 10.89 -37.42 -8.38
C VAL A 108 10.56 -38.46 -9.43
N LEU A 109 9.66 -38.11 -10.36
CA LEU A 109 9.30 -39.05 -11.40
C LEU A 109 10.36 -39.21 -12.46
N ALA A 110 11.23 -38.22 -12.65
CA ALA A 110 12.42 -38.47 -13.46
C ALA A 110 13.30 -39.55 -12.84
N GLY A 111 13.52 -39.49 -11.54
CA GLY A 111 14.24 -40.56 -10.87
C GLY A 111 13.62 -41.93 -11.12
N LEU A 112 12.30 -42.02 -11.03
CA LEU A 112 11.64 -43.30 -11.27
C LEU A 112 11.87 -43.76 -12.70
N GLU A 113 11.75 -42.84 -13.67
CA GLU A 113 12.01 -43.24 -15.05
C GLU A 113 13.46 -43.66 -15.24
N VAL A 114 14.40 -43.00 -14.55
CA VAL A 114 15.79 -43.45 -14.59
C VAL A 114 15.88 -44.93 -14.22
N VAL A 115 15.23 -45.30 -13.10
CA VAL A 115 15.28 -46.70 -12.66
C VAL A 115 14.59 -47.60 -13.68
N ARG A 116 13.42 -47.20 -14.18
CA ARG A 116 12.72 -48.06 -15.15
C ARG A 116 13.58 -48.27 -16.40
N THR A 117 14.28 -47.23 -16.86
CA THR A 117 15.15 -47.38 -18.01
C THR A 117 16.33 -48.29 -17.70
N LEU A 118 16.93 -48.16 -16.52
CA LEU A 118 18.01 -49.07 -16.14
C LEU A 118 17.50 -50.51 -16.07
N ASN A 119 16.30 -50.71 -15.53
CA ASN A 119 15.69 -52.04 -15.51
C ASN A 119 15.54 -52.58 -16.92
N ASP A 120 14.98 -51.78 -17.82
CA ASP A 120 14.73 -52.22 -19.19
C ASP A 120 16.02 -52.66 -19.89
N ALA A 121 17.10 -51.89 -19.69
CA ALA A 121 18.42 -52.14 -20.26
C ALA A 121 19.19 -53.22 -19.50
N GLY A 122 18.68 -53.68 -18.37
CA GLY A 122 19.38 -54.68 -17.57
C GLY A 122 20.68 -54.18 -16.99
N ILE A 123 20.73 -52.93 -16.57
CA ILE A 123 21.97 -52.33 -16.09
C ILE A 123 22.06 -52.45 -14.58
N VAL A 124 23.20 -52.96 -14.11
CA VAL A 124 23.55 -52.99 -12.70
C VAL A 124 24.57 -51.89 -12.45
N THR A 125 24.28 -50.99 -11.51
CA THR A 125 25.25 -49.95 -11.19
C THR A 125 26.25 -50.44 -10.15
N ASP A 126 27.35 -49.71 -10.00
CA ASP A 126 28.29 -50.04 -8.94
CA ASP A 126 28.30 -50.03 -8.94
C ASP A 126 27.78 -49.51 -7.60
N LYS A 127 27.71 -48.19 -7.45
CA LYS A 127 27.08 -47.61 -6.27
C LYS A 127 25.57 -47.77 -6.37
N PRO A 128 24.89 -47.94 -5.24
CA PRO A 128 23.42 -47.98 -5.28
C PRO A 128 22.84 -46.63 -5.63
N LEU A 129 21.62 -46.66 -6.17
CA LEU A 129 20.82 -45.48 -6.44
C LEU A 129 19.65 -45.43 -5.47
N GLU A 130 19.28 -44.20 -5.07
CA GLU A 130 18.06 -43.99 -4.30
C GLU A 130 17.32 -42.81 -4.90
N ILE A 131 16.00 -42.86 -4.81
CA ILE A 131 15.13 -41.75 -5.19
C ILE A 131 14.49 -41.22 -3.91
N VAL A 132 14.43 -39.89 -3.75
CA VAL A 132 13.83 -39.36 -2.53
C VAL A 132 12.83 -38.27 -2.88
N SER A 133 11.70 -38.28 -2.16
CA SER A 133 10.78 -37.15 -2.08
C SER A 133 10.86 -36.62 -0.64
N TRP A 134 11.39 -35.41 -0.49
CA TRP A 134 11.60 -34.80 0.82
C TRP A 134 10.30 -34.26 1.39
N THR A 135 10.10 -34.42 2.70
CA THR A 135 8.92 -33.90 3.37
C THR A 135 8.88 -32.37 3.34
N ASN A 136 7.68 -31.82 3.06
CA ASN A 136 7.39 -30.39 3.26
C ASN A 136 8.46 -29.50 2.64
N GLU A 137 8.77 -29.75 1.37
CA GLU A 137 9.68 -28.84 0.69
C GLU A 137 9.06 -27.45 0.58
N GLU A 138 7.73 -27.38 0.42
CA GLU A 138 7.12 -26.10 0.01
C GLU A 138 7.02 -25.09 1.15
N GLY A 139 7.07 -25.52 2.40
CA GLY A 139 6.97 -24.56 3.48
C GLY A 139 5.64 -23.85 3.56
N ALA A 140 4.59 -24.44 2.99
CA ALA A 140 3.27 -23.83 3.01
C ALA A 140 2.50 -24.22 4.27
N ARG A 141 2.34 -25.53 4.50
CA ARG A 141 1.58 -25.97 5.67
C ARG A 141 2.39 -25.82 6.94
N PHE A 142 3.66 -26.22 6.92
CA PHE A 142 4.59 -26.05 8.03
C PHE A 142 5.77 -25.21 7.56
N ALA A 143 6.34 -24.44 8.49
CA ALA A 143 7.63 -23.79 8.24
C ALA A 143 8.74 -24.63 8.83
N PRO A 144 9.95 -24.64 8.22
CA PRO A 144 10.32 -23.87 7.04
C PRO A 144 10.06 -24.58 5.72
N ALA A 145 10.35 -23.89 4.63
CA ALA A 145 10.56 -24.56 3.36
C ALA A 145 11.77 -25.47 3.47
N MET A 146 11.78 -26.52 2.64
CA MET A 146 12.85 -27.52 2.64
C MET A 146 13.01 -28.17 4.02
N LEU A 147 11.89 -28.42 4.71
CA LEU A 147 11.98 -28.89 6.10
C LEU A 147 12.62 -30.28 6.15
N GLY A 148 12.16 -31.19 5.27
CA GLY A 148 12.68 -32.55 5.31
C GLY A 148 14.15 -32.65 4.96
N SER A 149 14.59 -31.93 3.91
CA SER A 149 16.00 -31.91 3.56
C SER A 149 16.82 -31.17 4.61
N ALA A 150 16.26 -30.13 5.23
CA ALA A 150 16.98 -29.48 6.33
C ALA A 150 17.22 -30.43 7.52
N VAL A 151 16.22 -31.27 7.85
CA VAL A 151 16.43 -32.25 8.92
C VAL A 151 17.45 -33.28 8.50
N PHE A 152 17.38 -33.72 7.24
CA PHE A 152 18.30 -34.72 6.73
C PHE A 152 19.75 -34.24 6.83
N THR A 153 20.00 -32.97 6.52
CA THR A 153 21.35 -32.46 6.54
C THR A 153 21.80 -32.02 7.93
N GLY A 154 20.92 -32.01 8.93
CA GLY A 154 21.27 -31.49 10.24
C GLY A 154 21.14 -29.99 10.41
N ALA A 155 20.69 -29.27 9.39
CA ALA A 155 20.44 -27.83 9.50
C ALA A 155 19.26 -27.54 10.43
N LEU A 156 18.30 -28.45 10.52
CA LEU A 156 17.14 -28.27 11.40
C LEU A 156 17.05 -29.48 12.30
N PRO A 157 17.08 -29.31 13.63
CA PRO A 157 16.97 -30.48 14.52
C PRO A 157 15.65 -31.20 14.34
N LEU A 158 15.72 -32.55 14.39
CA LEU A 158 14.52 -33.37 14.24
C LEU A 158 13.42 -32.98 15.22
N ASP A 159 13.77 -32.81 16.50
CA ASP A 159 12.72 -32.52 17.46
C ASP A 159 12.07 -31.18 17.21
N ASP A 160 12.84 -30.20 16.73
CA ASP A 160 12.24 -28.91 16.37
C ASP A 160 11.30 -29.07 15.19
N ALA A 161 11.69 -29.88 14.21
CA ALA A 161 10.83 -30.09 13.05
C ALA A 161 9.52 -30.76 13.45
N LEU A 162 9.59 -31.76 14.32
CA LEU A 162 8.38 -32.50 14.71
C LEU A 162 7.41 -31.63 15.49
N ALA A 163 7.91 -30.58 16.17
CA ALA A 163 7.05 -29.70 16.95
C ALA A 163 6.42 -28.57 16.14
N ARG A 164 6.86 -28.36 14.90
CA ARG A 164 6.28 -27.32 14.06
C ARG A 164 4.79 -27.52 13.91
N GLN A 165 4.03 -26.43 14.04
CA GLN A 165 2.58 -26.49 13.96
C GLN A 165 2.08 -25.80 12.70
N ASP A 166 0.97 -26.31 12.16
CA ASP A 166 0.34 -25.65 11.04
C ASP A 166 -0.68 -24.63 11.58
N ALA A 167 -1.45 -24.01 10.67
CA ALA A 167 -2.40 -22.96 11.07
C ALA A 167 -3.48 -23.47 12.00
N GLU A 168 -3.79 -24.77 11.96
CA GLU A 168 -4.79 -25.35 12.85
C GLU A 168 -4.18 -25.87 14.15
N GLY A 169 -2.87 -25.68 14.36
CA GLY A 169 -2.22 -26.14 15.56
C GLY A 169 -1.71 -27.56 15.53
N ILE A 170 -1.92 -28.29 14.43
CA ILE A 170 -1.44 -29.66 14.33
C ILE A 170 0.08 -29.68 14.20
N THR A 171 0.74 -30.51 15.00
CA THR A 171 2.19 -30.64 14.90
C THR A 171 2.57 -31.52 13.72
N LEU A 172 3.75 -31.28 13.18
CA LEU A 172 4.24 -32.12 12.09
C LEU A 172 4.32 -33.59 12.53
N GLY A 173 4.72 -33.85 13.77
CA GLY A 173 4.74 -35.23 14.23
C GLY A 173 3.36 -35.87 14.24
N ALA A 174 2.36 -35.13 14.73
CA ALA A 174 0.99 -35.62 14.67
C ALA A 174 0.57 -35.88 13.23
N ALA A 175 1.03 -35.03 12.32
CA ALA A 175 0.64 -35.18 10.93
C ALA A 175 1.33 -36.38 10.28
N LEU A 176 2.61 -36.61 10.60
CA LEU A 176 3.27 -37.85 10.19
C LEU A 176 2.51 -39.07 10.70
N ASP A 177 2.07 -39.02 11.96
CA ASP A 177 1.31 -40.14 12.51
C ASP A 177 0.01 -40.35 11.75
N ALA A 178 -0.66 -39.26 11.36
CA ALA A 178 -1.88 -39.39 10.56
C ALA A 178 -1.58 -39.85 9.15
N CYS A 179 -0.43 -39.45 8.60
CA CYS A 179 -0.04 -39.88 7.27
C CYS A 179 0.38 -41.35 7.27
N GLY A 180 0.75 -41.88 8.44
CA GLY A 180 1.35 -43.20 8.48
C GLY A 180 2.76 -43.22 7.93
N CYS A 181 3.47 -42.11 8.05
CA CYS A 181 4.77 -42.05 7.41
C CYS A 181 5.83 -41.51 8.37
N ARG A 182 5.67 -41.79 9.65
CA ARG A 182 6.73 -41.57 10.64
C ARG A 182 7.61 -42.81 10.65
N GLY A 183 8.79 -42.74 10.01
CA GLY A 183 9.69 -43.86 10.08
C GLY A 183 10.40 -43.90 11.41
N THR A 184 11.12 -45.01 11.65
CA THR A 184 11.87 -45.12 12.90
C THR A 184 13.34 -44.73 12.75
N ARG A 185 13.85 -44.60 11.52
CA ARG A 185 15.28 -44.35 11.28
C ARG A 185 15.60 -42.86 11.37
N ALA A 186 16.65 -42.51 12.10
CA ALA A 186 17.05 -41.11 12.19
C ALA A 186 17.37 -40.56 10.81
N PRO A 187 16.88 -39.38 10.45
CA PRO A 187 17.21 -38.84 9.12
C PRO A 187 18.70 -38.58 8.98
N GLY A 188 19.22 -38.84 7.78
CA GLY A 188 20.62 -38.63 7.45
C GLY A 188 21.25 -39.90 6.92
N GLY A 189 22.57 -39.87 6.85
CA GLY A 189 23.30 -41.02 6.35
C GLY A 189 24.20 -40.62 5.20
N ALA A 190 25.22 -41.43 4.92
CA ALA A 190 26.17 -41.11 3.86
C ALA A 190 25.51 -41.07 2.49
N VAL A 191 25.90 -40.09 1.67
CA VAL A 191 25.42 -39.94 0.31
C VAL A 191 26.61 -39.62 -0.59
N ASP A 192 26.78 -40.38 -1.67
CA ASP A 192 27.89 -40.10 -2.59
C ASP A 192 27.68 -38.80 -3.35
N ALA A 193 26.44 -38.56 -3.79
CA ALA A 193 26.12 -37.38 -4.59
C ALA A 193 24.63 -37.25 -4.62
N TYR A 194 24.16 -36.03 -4.82
CA TYR A 194 22.73 -35.74 -4.91
C TYR A 194 22.46 -34.98 -6.20
N PHE A 195 21.52 -35.50 -7.00
CA PHE A 195 21.09 -34.82 -8.23
C PHE A 195 19.61 -34.52 -8.15
N GLU A 196 19.23 -33.35 -8.64
CA GLU A 196 17.81 -32.99 -8.68
C GLU A 196 17.50 -32.38 -10.03
N ALA A 197 16.51 -32.94 -10.72
CA ALA A 197 15.99 -32.32 -11.92
C ALA A 197 14.78 -31.46 -11.57
N HIS A 198 14.65 -30.32 -12.25
CA HIS A 198 13.55 -29.41 -11.95
C HIS A 198 13.29 -28.50 -13.16
N ILE A 199 12.04 -28.05 -13.32
CA ILE A 199 11.78 -26.97 -14.28
C ILE A 199 12.45 -25.68 -13.79
N GLU A 200 12.88 -24.84 -14.74
CA GLU A 200 13.62 -23.62 -14.38
C GLU A 200 12.85 -22.72 -13.41
N GLN A 201 11.54 -22.63 -13.58
CA GLN A 201 10.66 -21.63 -12.92
C GLN A 201 11.01 -20.19 -13.35
N GLY A 202 11.61 -20.04 -14.51
CA GLY A 202 11.98 -18.75 -15.07
C GLY A 202 11.96 -18.85 -16.59
N PRO A 203 12.25 -17.74 -17.26
CA PRO A 203 12.07 -17.64 -18.72
C PRO A 203 13.32 -17.84 -19.57
N VAL A 204 14.48 -18.05 -18.95
CA VAL A 204 15.75 -17.92 -19.67
C VAL A 204 15.94 -19.05 -20.68
N LEU A 205 15.83 -20.30 -20.24
CA LEU A 205 16.11 -21.41 -21.15
C LEU A 205 15.15 -21.40 -22.34
N GLU A 206 13.86 -21.21 -22.08
CA GLU A 206 12.90 -21.15 -23.18
C GLU A 206 13.23 -20.04 -24.16
N ALA A 207 13.49 -18.83 -23.65
CA ALA A 207 13.81 -17.68 -24.50
C ALA A 207 15.05 -17.93 -25.36
N ASN A 208 16.08 -18.55 -24.78
CA ASN A 208 17.35 -18.77 -25.47
C ASN A 208 17.33 -20.00 -26.36
N GLY A 209 16.25 -20.78 -26.33
CA GLY A 209 16.23 -22.02 -27.08
C GLY A 209 17.19 -23.04 -26.52
N THR A 210 17.41 -23.00 -25.20
CA THR A 210 18.36 -23.88 -24.52
C THR A 210 17.57 -25.01 -23.89
N THR A 211 17.97 -26.26 -24.15
CA THR A 211 17.24 -27.39 -23.61
C THR A 211 17.63 -27.67 -22.16
N ILE A 212 18.92 -27.59 -21.83
CA ILE A 212 19.42 -28.05 -20.56
C ILE A 212 20.06 -26.88 -19.83
N GLY A 213 19.53 -26.58 -18.64
CA GLY A 213 20.15 -25.66 -17.70
C GLY A 213 21.15 -26.41 -16.83
N ILE A 214 22.45 -26.10 -17.00
CA ILE A 214 23.47 -26.66 -16.13
C ILE A 214 23.50 -25.78 -14.88
N VAL A 215 22.86 -26.23 -13.81
CA VAL A 215 22.59 -25.30 -12.69
C VAL A 215 23.86 -25.15 -11.87
N THR A 216 24.27 -23.90 -11.61
CA THR A 216 25.57 -23.67 -10.96
C THR A 216 25.49 -23.61 -9.43
N GLY A 217 24.31 -23.34 -8.91
CA GLY A 217 24.12 -23.21 -7.48
C GLY A 217 23.00 -22.20 -7.23
N GLY A 218 22.96 -21.74 -5.99
CA GLY A 218 21.92 -20.80 -5.57
C GLY A 218 22.50 -19.42 -5.31
N GLN A 219 21.65 -18.38 -5.40
CA GLN A 219 22.05 -17.00 -5.20
C GLN A 219 22.27 -16.67 -3.72
N ALA A 220 23.02 -15.60 -3.50
CA ALA A 220 23.01 -14.89 -2.22
C ALA A 220 21.79 -13.97 -2.22
N ILE A 221 21.01 -13.98 -1.14
CA ILE A 221 19.72 -13.28 -1.07
C ILE A 221 19.67 -12.42 0.16
N ARG A 222 19.12 -11.20 0.04
CA ARG A 222 18.82 -10.36 1.19
C ARG A 222 17.37 -9.91 1.10
N TRP A 223 16.66 -9.98 2.22
CA TRP A 223 15.31 -9.43 2.34
C TRP A 223 15.40 -8.25 3.29
N LEU A 224 14.97 -7.08 2.82
CA LEU A 224 15.05 -5.86 3.59
C LEU A 224 13.66 -5.31 3.80
N ASP A 225 13.46 -4.69 4.95
CA ASP A 225 12.28 -3.90 5.25
C ASP A 225 12.67 -2.44 5.26
N VAL A 226 11.96 -1.61 4.51
CA VAL A 226 12.24 -0.18 4.45
C VAL A 226 11.03 0.57 4.97
N ARG A 227 11.28 1.55 5.84
CA ARG A 227 10.21 2.40 6.33
C ARG A 227 10.63 3.86 6.14
N VAL A 228 9.80 4.64 5.47
CA VAL A 228 10.08 6.05 5.23
C VAL A 228 9.06 6.87 6.00
N THR A 229 9.54 7.84 6.77
CA THR A 229 8.69 8.65 7.65
C THR A 229 8.74 10.09 7.18
N GLY A 230 7.57 10.66 6.91
CA GLY A 230 7.44 12.08 6.58
C GLY A 230 6.43 12.72 7.51
N VAL A 231 5.66 13.66 6.96
CA VAL A 231 4.64 14.39 7.72
C VAL A 231 3.31 14.23 6.98
N ALA A 232 2.28 13.74 7.67
N ALA A 232 2.38 13.51 7.60
CA ALA A 232 1.00 13.39 7.01
CA ALA A 232 1.02 13.47 7.13
C ALA A 232 0.03 14.57 7.05
C ALA A 232 0.48 14.88 7.29
N ALA A 233 0.28 15.55 6.18
CA ALA A 233 -0.41 16.84 6.18
C ALA A 233 -1.49 16.82 5.11
N HIS A 234 -2.36 17.82 5.15
CA HIS A 234 -3.52 17.82 4.28
C HIS A 234 -3.12 18.14 2.85
N ALA A 235 -3.68 17.38 1.89
CA ALA A 235 -3.30 17.48 0.48
C ALA A 235 -3.69 18.80 -0.15
N GLY A 236 -4.62 19.53 0.43
CA GLY A 236 -5.04 20.78 -0.17
C GLY A 236 -4.47 22.00 0.52
N THR A 237 -4.28 21.93 1.85
CA THR A 237 -3.87 23.11 2.60
C THR A 237 -2.37 23.29 2.67
N THR A 238 -1.59 22.31 2.19
CA THR A 238 -0.15 22.28 2.40
C THR A 238 0.54 22.53 1.07
N PRO A 239 1.09 23.72 0.82
CA PRO A 239 1.80 23.94 -0.43
C PRO A 239 3.01 23.02 -0.56
N MET A 240 3.41 22.78 -1.82
CA MET A 240 4.48 21.82 -2.07
C MET A 240 5.75 22.10 -1.29
N PRO A 241 6.25 23.33 -1.15
CA PRO A 241 7.53 23.53 -0.45
C PRO A 241 7.52 23.16 1.03
N TYR A 242 6.34 23.07 1.65
CA TYR A 242 6.23 22.69 3.06
C TYR A 242 6.21 21.19 3.28
N ARG A 243 6.13 20.38 2.23
CA ARG A 243 5.82 18.99 2.38
C ARG A 243 7.04 18.14 2.68
N LYS A 244 6.80 17.05 3.41
CA LYS A 244 7.76 15.99 3.69
C LYS A 244 7.05 14.71 3.28
N ASP A 245 7.02 14.47 1.97
CA ASP A 245 6.15 13.46 1.38
C ASP A 245 6.89 12.12 1.35
N ALA A 246 6.48 11.19 2.20
CA ALA A 246 7.18 9.91 2.29
C ALA A 246 6.97 9.05 1.07
N TYR A 247 5.91 9.30 0.26
CA TYR A 247 5.68 8.45 -0.90
C TYR A 247 6.52 8.90 -2.09
N PHE A 248 6.56 10.21 -2.36
CA PHE A 248 7.48 10.66 -3.41
C PHE A 248 8.90 10.25 -3.04
N ALA A 249 9.24 10.30 -1.75
CA ALA A 249 10.56 9.88 -1.33
C ALA A 249 10.79 8.40 -1.63
N SER A 250 9.82 7.57 -1.29
CA SER A 250 9.95 6.13 -1.54
C SER A 250 10.04 5.85 -3.03
N ALA A 251 9.28 6.61 -3.85
CA ALA A 251 9.38 6.42 -5.29
C ALA A 251 10.78 6.73 -5.79
N GLN A 252 11.39 7.80 -5.28
CA GLN A 252 12.74 8.09 -5.72
C GLN A 252 13.71 7.01 -5.24
N MET A 253 13.51 6.49 -4.03
CA MET A 253 14.39 5.42 -3.58
C MET A 253 14.28 4.20 -4.48
N ALA A 254 13.07 3.93 -4.97
CA ALA A 254 12.88 2.77 -5.84
C ALA A 254 13.68 2.95 -7.11
N LEU A 255 13.72 4.16 -7.63
CA LEU A 255 14.46 4.37 -8.86
C LEU A 255 15.97 4.37 -8.60
N GLU A 256 16.39 4.81 -7.41
CA GLU A 256 17.79 4.63 -7.02
C GLU A 256 18.15 3.15 -6.99
N LEU A 257 17.26 2.33 -6.44
CA LEU A 257 17.50 0.89 -6.41
C LEU A 257 17.62 0.34 -7.81
N GLU A 258 16.70 0.73 -8.70
CA GLU A 258 16.79 0.28 -10.09
C GLU A 258 18.15 0.62 -10.69
N ARG A 259 18.67 1.83 -10.42
CA ARG A 259 19.97 2.26 -10.95
C ARG A 259 21.11 1.44 -10.36
N ILE A 260 21.06 1.17 -9.06
CA ILE A 260 22.10 0.36 -8.41
C ILE A 260 22.16 -1.03 -9.04
N VAL A 261 21.00 -1.64 -9.26
CA VAL A 261 21.05 -3.00 -9.77
CA VAL A 261 20.96 -3.00 -9.82
C VAL A 261 21.54 -3.01 -11.22
N ALA A 262 21.24 -1.97 -11.99
CA ALA A 262 21.78 -1.89 -13.34
C ALA A 262 23.29 -1.82 -13.33
N GLY A 263 23.88 -1.21 -12.29
CA GLY A 263 25.33 -1.20 -12.16
C GLY A 263 25.93 -2.55 -11.79
N HIS A 264 25.10 -3.54 -11.44
CA HIS A 264 25.55 -4.88 -11.08
C HIS A 264 25.03 -5.95 -12.05
N ALA A 265 24.71 -5.54 -13.28
CA ALA A 265 24.21 -6.45 -14.29
C ALA A 265 25.31 -7.41 -14.74
N PRO A 266 24.97 -8.66 -15.09
CA PRO A 266 23.61 -9.22 -15.13
C PRO A 266 23.21 -10.00 -13.87
N ARG A 267 24.15 -10.19 -12.96
CA ARG A 267 23.92 -11.11 -11.86
C ARG A 267 23.12 -10.51 -10.71
N GLY A 268 23.14 -9.19 -10.57
CA GLY A 268 22.37 -8.55 -9.49
C GLY A 268 20.92 -8.40 -9.90
N LEU A 269 20.03 -8.68 -8.96
CA LEU A 269 18.59 -8.53 -9.16
C LEU A 269 18.01 -7.79 -7.96
N ALA A 270 16.94 -7.03 -8.19
CA ALA A 270 16.26 -6.46 -7.05
C ALA A 270 14.80 -6.27 -7.37
N THR A 271 13.97 -6.44 -6.34
CA THR A 271 12.52 -6.47 -6.49
C THR A 271 11.89 -5.82 -5.28
N ILE A 272 10.93 -4.92 -5.50
CA ILE A 272 10.09 -4.39 -4.42
C ILE A 272 8.74 -5.08 -4.55
N GLY A 273 8.51 -6.12 -3.75
CA GLY A 273 7.30 -6.91 -3.96
C GLY A 273 6.11 -6.51 -3.10
N GLN A 274 6.37 -5.79 -2.00
CA GLN A 274 5.33 -5.30 -1.11
C GLN A 274 5.60 -3.83 -0.88
N ALA A 275 4.54 -3.04 -0.86
CA ALA A 275 4.69 -1.61 -0.63
C ALA A 275 3.33 -1.03 -0.31
N GLY A 276 3.30 -0.11 0.65
CA GLY A 276 2.05 0.59 0.89
C GLY A 276 2.24 1.82 1.76
N ILE A 277 1.29 2.73 1.60
CA ILE A 277 1.15 3.89 2.49
C ILE A 277 0.27 3.47 3.66
N ARG A 278 0.76 3.64 4.88
CA ARG A 278 0.01 3.24 6.06
C ARG A 278 -0.89 4.37 6.54
N ASN A 279 -2.02 4.00 7.14
CA ASN A 279 -2.98 4.97 7.67
C ASN A 279 -3.38 5.96 6.58
N ALA A 280 -3.69 5.42 5.42
CA ALA A 280 -3.71 6.22 4.20
C ALA A 280 -5.08 6.84 3.96
N SER A 281 -5.08 8.04 3.39
CA SER A 281 -6.29 8.65 2.89
C SER A 281 -5.95 9.46 1.65
N ARG A 282 -6.94 9.60 0.76
CA ARG A 282 -6.66 10.19 -0.55
CA ARG A 282 -6.65 10.18 -0.55
C ARG A 282 -6.22 11.64 -0.46
N ASN A 283 -6.72 12.38 0.54
CA ASN A 283 -6.41 13.79 0.65
C ASN A 283 -5.41 14.08 1.78
N THR A 284 -4.57 13.10 2.10
CA THR A 284 -3.55 13.26 3.13
C THR A 284 -2.21 12.84 2.53
N ILE A 285 -1.20 13.70 2.70
CA ILE A 285 0.15 13.37 2.26
C ILE A 285 0.66 12.15 3.03
N ALA A 286 1.35 11.25 2.33
CA ALA A 286 1.90 10.05 2.98
C ALA A 286 2.95 10.43 4.01
N GLY A 287 2.74 10.02 5.27
CA GLY A 287 3.69 10.27 6.34
C GLY A 287 4.43 9.02 6.76
N ASP A 288 3.96 7.85 6.31
CA ASP A 288 4.51 6.57 6.78
C ASP A 288 4.35 5.55 5.65
N VAL A 289 5.45 5.18 5.01
CA VAL A 289 5.45 4.30 3.86
C VAL A 289 6.38 3.12 4.18
N THR A 290 5.92 1.91 3.92
CA THR A 290 6.78 0.74 4.07
C THR A 290 6.88 0.03 2.73
N PHE A 291 8.04 -0.53 2.45
CA PHE A 291 8.13 -1.42 1.30
C PHE A 291 9.21 -2.44 1.59
N THR A 292 9.19 -3.54 0.85
CA THR A 292 10.19 -4.58 1.03
C THR A 292 11.13 -4.59 -0.17
N VAL A 293 12.34 -5.08 0.05
CA VAL A 293 13.34 -5.22 -1.02
C VAL A 293 13.85 -6.65 -0.99
N ASP A 294 13.84 -7.29 -2.14
CA ASP A 294 14.48 -8.58 -2.35
C ASP A 294 15.70 -8.32 -3.21
N LEU A 295 16.90 -8.56 -2.66
CA LEU A 295 18.14 -8.35 -3.40
C LEU A 295 18.83 -9.69 -3.63
N ARG A 296 19.36 -9.88 -4.84
CA ARG A 296 20.04 -11.12 -5.21
C ARG A 296 21.33 -10.82 -5.94
N HIS A 297 22.30 -11.72 -5.77
CA HIS A 297 23.48 -11.73 -6.60
C HIS A 297 24.04 -13.14 -6.56
N HIS A 298 25.07 -13.39 -7.37
CA HIS A 298 25.71 -14.69 -7.31
C HIS A 298 26.65 -14.79 -6.12
N ASP A 299 27.13 -13.64 -5.64
CA ASP A 299 28.17 -13.54 -4.61
CA ASP A 299 28.17 -13.54 -4.61
C ASP A 299 27.64 -12.77 -3.41
N ASP A 300 27.95 -13.25 -2.20
CA ASP A 300 27.51 -12.55 -1.00
C ASP A 300 28.14 -11.17 -0.90
N ALA A 301 29.43 -11.04 -1.24
CA ALA A 301 30.07 -9.74 -1.15
C ALA A 301 29.41 -8.74 -2.07
N GLN A 302 28.99 -9.18 -3.27
CA GLN A 302 28.33 -8.28 -4.21
C GLN A 302 26.90 -7.93 -3.77
N VAL A 303 26.14 -8.89 -3.23
CA VAL A 303 24.79 -8.53 -2.77
C VAL A 303 24.91 -7.60 -1.58
N ASP A 304 25.94 -7.79 -0.74
CA ASP A 304 26.17 -6.87 0.38
CA ASP A 304 26.16 -6.87 0.37
C ASP A 304 26.54 -5.49 -0.12
N ALA A 305 27.30 -5.41 -1.22
CA ALA A 305 27.65 -4.11 -1.76
C ALA A 305 26.42 -3.39 -2.28
N MET A 306 25.53 -4.12 -2.98
CA MET A 306 24.27 -3.53 -3.41
C MET A 306 23.48 -3.00 -2.23
N GLU A 307 23.43 -3.75 -1.12
CA GLU A 307 22.69 -3.28 0.06
C GLU A 307 23.30 -2.01 0.63
N ARG A 308 24.62 -1.97 0.77
CA ARG A 308 25.27 -0.77 1.29
CA ARG A 308 25.24 -0.76 1.30
C ARG A 308 25.10 0.41 0.34
N ALA A 309 25.13 0.16 -0.98
CA ALA A 309 24.79 1.22 -1.94
C ALA A 309 23.36 1.72 -1.75
N LEU A 310 22.42 0.81 -1.51
CA LEU A 310 21.03 1.24 -1.31
C LEU A 310 20.90 2.05 -0.02
N ARG A 311 21.59 1.63 1.04
CA ARG A 311 21.54 2.43 2.25
C ARG A 311 22.07 3.84 2.03
N ASP A 312 23.19 3.97 1.32
CA ASP A 312 23.75 5.30 1.04
C ASP A 312 22.77 6.12 0.21
N ALA A 313 22.22 5.52 -0.84
CA ALA A 313 21.32 6.25 -1.74
C ALA A 313 20.07 6.71 -1.01
N CYS A 314 19.47 5.82 -0.21
CA CYS A 314 18.25 6.19 0.50
C CYS A 314 18.52 7.29 1.50
N ALA A 315 19.67 7.25 2.19
CA ALA A 315 20.03 8.34 3.11
C ALA A 315 20.08 9.67 2.37
N ARG A 316 20.73 9.68 1.20
CA ARG A 316 20.84 10.91 0.41
C ARG A 316 19.47 11.41 -0.04
N VAL A 317 18.59 10.50 -0.50
CA VAL A 317 17.24 10.90 -0.88
C VAL A 317 16.50 11.49 0.30
N ALA A 318 16.56 10.81 1.44
CA ALA A 318 15.81 11.27 2.61
C ALA A 318 16.30 12.65 3.05
N ALA A 319 17.61 12.86 3.01
CA ALA A 319 18.14 14.17 3.39
C ALA A 319 17.68 15.26 2.44
N ALA A 320 17.66 14.95 1.15
CA ALA A 320 17.22 15.94 0.18
C ALA A 320 15.75 16.29 0.36
N ARG A 321 14.92 15.33 0.79
CA ARG A 321 13.48 15.53 0.84
C ARG A 321 12.96 15.82 2.24
N GLY A 322 13.82 15.80 3.26
CA GLY A 322 13.39 16.11 4.61
C GLY A 322 12.61 15.01 5.28
N VAL A 323 12.80 13.75 4.87
CA VAL A 323 12.13 12.62 5.49
C VAL A 323 13.19 11.77 6.17
N GLN A 324 12.75 10.74 6.89
CA GLN A 324 13.65 9.79 7.52
C GLN A 324 13.46 8.42 6.87
N VAL A 325 14.51 7.60 6.89
CA VAL A 325 14.39 6.25 6.34
C VAL A 325 15.13 5.28 7.25
N ALA A 326 14.52 4.13 7.47
CA ALA A 326 15.08 3.05 8.27
C ALA A 326 15.06 1.79 7.43
N ILE A 327 16.20 1.09 7.36
CA ILE A 327 16.34 -0.09 6.52
C ILE A 327 16.82 -1.22 7.41
N ASP A 328 16.00 -2.26 7.53
CA ASP A 328 16.32 -3.40 8.37
C ASP A 328 16.39 -4.64 7.52
N THR A 329 17.26 -5.58 7.90
CA THR A 329 17.35 -6.84 7.20
C THR A 329 16.55 -7.87 7.97
N CYS A 330 15.59 -8.51 7.33
CA CYS A 330 14.86 -9.52 8.05
C CYS A 330 15.18 -10.95 7.59
N TRP A 331 15.88 -11.12 6.47
CA TRP A 331 16.33 -12.45 6.10
C TRP A 331 17.58 -12.35 5.23
N ARG A 332 18.53 -13.25 5.48
CA ARG A 332 19.74 -13.35 4.67
C ARG A 332 19.94 -14.83 4.35
N SER A 333 20.37 -15.11 3.14
CA SER A 333 20.71 -16.46 2.80
C SER A 333 21.97 -16.41 1.96
N PRO A 334 22.93 -17.29 2.23
CA PRO A 334 24.21 -17.22 1.53
C PRO A 334 24.13 -17.85 0.15
N ALA A 335 25.05 -17.44 -0.71
CA ALA A 335 25.16 -18.14 -1.99
C ALA A 335 25.51 -19.59 -1.71
N THR A 336 25.04 -20.47 -2.58
CA THR A 336 25.21 -21.90 -2.39
C THR A 336 25.72 -22.52 -3.67
N PRO A 337 27.03 -22.58 -3.87
CA PRO A 337 27.55 -23.20 -5.10
C PRO A 337 27.39 -24.71 -5.07
N PHE A 338 27.17 -25.28 -6.25
CA PHE A 338 27.06 -26.72 -6.36
C PHE A 338 28.44 -27.34 -6.61
N ASP A 339 28.51 -28.65 -6.59
CA ASP A 339 29.80 -29.33 -6.61
C ASP A 339 30.37 -29.31 -8.03
N ARG A 340 31.66 -28.95 -8.16
CA ARG A 340 32.23 -28.83 -9.50
C ARG A 340 32.10 -30.12 -10.28
N GLY A 341 32.44 -31.25 -9.66
CA GLY A 341 32.37 -32.51 -10.38
C GLY A 341 30.96 -32.93 -10.80
N CYS A 342 29.98 -32.79 -9.90
CA CYS A 342 28.63 -33.19 -10.26
C CYS A 342 28.05 -32.27 -11.31
N VAL A 343 28.31 -30.96 -11.18
CA VAL A 343 27.84 -30.02 -12.19
C VAL A 343 28.41 -30.39 -13.55
N GLU A 344 29.71 -30.73 -13.58
CA GLU A 344 30.35 -31.08 -14.85
C GLU A 344 29.79 -32.37 -15.44
N LEU A 345 29.31 -33.29 -14.60
CA LEU A 345 28.68 -34.48 -15.16
C LEU A 345 27.37 -34.11 -15.88
N VAL A 346 26.66 -33.11 -15.37
CA VAL A 346 25.47 -32.64 -16.06
C VAL A 346 25.87 -32.00 -17.38
N ALA A 347 26.88 -31.14 -17.33
CA ALA A 347 27.38 -30.50 -18.53
C ALA A 347 27.80 -31.52 -19.58
N ARG A 348 28.56 -32.52 -19.16
CA ARG A 348 29.04 -33.52 -20.10
C ARG A 348 27.89 -34.33 -20.68
N ALA A 349 26.88 -34.67 -19.86
CA ALA A 349 25.73 -35.40 -20.38
C ALA A 349 25.00 -34.59 -21.44
N ALA A 350 24.81 -33.30 -21.19
CA ALA A 350 24.13 -32.48 -22.19
C ALA A 350 24.94 -32.44 -23.48
N GLU A 351 26.26 -32.32 -23.35
CA GLU A 351 27.09 -32.27 -24.56
C GLU A 351 27.12 -33.61 -25.28
N ALA A 352 27.06 -34.71 -24.54
CA ALA A 352 27.09 -36.03 -25.16
C ALA A 352 25.88 -36.24 -26.07
N PHE A 353 24.72 -35.77 -25.62
CA PHE A 353 23.50 -35.88 -26.42
C PHE A 353 23.40 -34.81 -27.49
N GLY A 354 24.27 -33.80 -27.45
CA GLY A 354 24.18 -32.72 -28.41
C GLY A 354 23.06 -31.74 -28.14
N TYR A 355 22.54 -31.71 -26.92
CA TYR A 355 21.48 -30.76 -26.57
C TYR A 355 22.07 -29.38 -26.31
N THR A 356 21.32 -28.35 -26.68
CA THR A 356 21.76 -27.00 -26.31
C THR A 356 21.75 -26.90 -24.79
N ASN A 357 22.70 -26.14 -24.24
CA ASN A 357 22.90 -26.11 -22.79
C ASN A 357 23.59 -24.80 -22.42
N GLU A 358 23.31 -24.35 -21.20
CA GLU A 358 24.01 -23.20 -20.66
C GLU A 358 24.05 -23.30 -19.14
N ARG A 359 25.08 -22.68 -18.56
CA ARG A 359 25.12 -22.57 -17.11
C ARG A 359 24.11 -21.52 -16.65
N ILE A 360 23.45 -21.80 -15.55
CA ILE A 360 22.37 -20.96 -15.06
C ILE A 360 22.29 -21.11 -13.56
N VAL A 361 22.03 -20.00 -12.86
CA VAL A 361 21.87 -20.07 -11.41
C VAL A 361 20.44 -20.48 -11.11
N SER A 362 20.25 -21.22 -10.02
CA SER A 362 18.89 -21.43 -9.56
C SER A 362 18.37 -20.16 -8.90
N GLY A 363 17.26 -19.60 -9.46
CA GLY A 363 16.65 -18.41 -8.90
C GLY A 363 15.73 -18.66 -7.75
N ALA A 364 15.49 -19.93 -7.42
CA ALA A 364 14.55 -20.24 -6.36
C ALA A 364 15.09 -21.40 -5.54
N GLY A 365 14.53 -21.55 -4.35
CA GLY A 365 14.99 -22.60 -3.45
C GLY A 365 14.52 -23.97 -3.86
N HIS A 366 15.34 -24.98 -3.50
CA HIS A 366 15.08 -26.37 -3.79
C HIS A 366 15.75 -27.16 -2.68
N ASP A 367 15.31 -28.39 -2.49
CA ASP A 367 16.03 -29.24 -1.54
C ASP A 367 17.50 -29.34 -1.89
N ALA A 368 17.85 -29.29 -3.17
CA ALA A 368 19.26 -29.33 -3.57
C ALA A 368 20.11 -28.28 -2.87
N ILE A 369 19.51 -27.11 -2.56
CA ILE A 369 20.25 -26.06 -1.86
C ILE A 369 20.74 -26.56 -0.50
N LEU A 370 19.86 -27.20 0.26
CA LEU A 370 20.25 -27.76 1.56
C LEU A 370 21.26 -28.88 1.40
N LEU A 371 21.04 -29.77 0.42
CA LEU A 371 21.92 -30.92 0.23
C LEU A 371 23.32 -30.46 -0.17
N ALA A 372 23.40 -29.39 -0.93
CA ALA A 372 24.69 -28.94 -1.44
C ALA A 372 25.63 -28.51 -0.34
N ARG A 373 25.10 -28.15 0.82
CA ARG A 373 25.95 -27.74 1.92
C ARG A 373 26.53 -28.92 2.69
N ARG A 374 26.13 -30.15 2.37
CA ARG A 374 26.69 -31.32 3.04
C ARG A 374 27.15 -32.43 2.12
N VAL A 375 26.62 -32.51 0.91
CA VAL A 375 26.77 -33.62 -0.05
CA VAL A 375 27.03 -33.58 0.01
C VAL A 375 27.17 -33.02 -1.40
N PRO A 376 28.03 -33.67 -2.20
CA PRO A 376 28.25 -33.17 -3.57
C PRO A 376 26.94 -33.18 -4.35
N THR A 377 26.58 -32.03 -4.95
CA THR A 377 25.24 -31.81 -5.47
C THR A 377 25.26 -31.16 -6.85
N ALA A 378 24.26 -31.50 -7.67
CA ALA A 378 24.07 -30.79 -8.94
C ALA A 378 22.58 -30.83 -9.28
N MET A 379 22.20 -29.97 -10.22
CA MET A 379 20.82 -29.97 -10.69
C MET A 379 20.79 -29.91 -12.21
N VAL A 380 19.68 -30.39 -12.75
CA VAL A 380 19.34 -30.31 -14.17
C VAL A 380 18.09 -29.45 -14.27
N PHE A 381 18.19 -28.32 -14.98
CA PHE A 381 17.01 -27.53 -15.29
C PHE A 381 16.53 -27.86 -16.69
N ILE A 382 15.21 -27.84 -16.87
CA ILE A 382 14.59 -27.87 -18.19
C ILE A 382 13.76 -26.60 -18.33
N PRO A 383 13.43 -26.21 -19.56
CA PRO A 383 12.70 -24.95 -19.76
C PRO A 383 11.24 -25.03 -19.32
N CYS A 384 10.68 -23.84 -19.04
CA CYS A 384 9.26 -23.63 -18.78
C CYS A 384 8.62 -23.00 -20.00
N VAL A 385 7.36 -23.40 -20.25
CA VAL A 385 6.60 -22.84 -21.36
C VAL A 385 6.26 -21.39 -21.07
N ASP A 386 6.34 -20.54 -22.11
CA ASP A 386 5.91 -19.13 -22.06
C ASP A 386 6.28 -18.40 -20.76
N ALA A 393 5.18 -19.58 -15.46
CA ALA A 393 6.34 -20.47 -15.52
C ALA A 393 6.08 -21.78 -14.75
N GLU A 394 5.18 -22.62 -15.28
CA GLU A 394 4.73 -23.84 -14.59
C GLU A 394 4.63 -25.08 -15.46
N ASP A 395 4.46 -24.98 -16.80
CA ASP A 395 4.31 -26.09 -17.74
CA ASP A 395 4.36 -26.15 -17.65
C ASP A 395 5.64 -26.38 -18.43
N ALA A 396 5.83 -27.63 -18.86
CA ALA A 396 7.00 -28.03 -19.63
C ALA A 396 6.55 -28.89 -20.81
N LEU A 397 7.33 -28.84 -21.88
CA LEU A 397 7.06 -29.57 -23.12
C LEU A 397 7.52 -31.01 -22.97
N PRO A 398 6.85 -31.94 -23.64
CA PRO A 398 7.23 -33.35 -23.51
C PRO A 398 8.67 -33.62 -23.93
N ASP A 399 9.16 -33.04 -25.03
CA ASP A 399 10.52 -33.35 -25.40
C ASP A 399 11.53 -32.76 -24.42
N ASP A 400 11.20 -31.67 -23.74
CA ASP A 400 12.12 -31.12 -22.75
C ASP A 400 12.15 -32.01 -21.53
N VAL A 401 10.98 -32.51 -21.12
CA VAL A 401 10.92 -33.45 -20.03
C VAL A 401 11.78 -34.66 -20.33
N THR A 402 11.67 -35.17 -21.56
CA THR A 402 12.45 -36.32 -21.96
C THR A 402 13.95 -36.01 -21.94
N ARG A 403 14.35 -34.90 -22.56
CA ARG A 403 15.78 -34.63 -22.71
C ARG A 403 16.42 -34.32 -21.37
N GLY A 404 15.72 -33.61 -20.49
CA GLY A 404 16.26 -33.38 -19.16
C GLY A 404 16.49 -34.69 -18.42
N THR A 405 15.58 -35.66 -18.59
CA THR A 405 15.76 -36.94 -17.91
C THR A 405 16.87 -37.77 -18.55
N ASN A 406 17.06 -37.68 -19.87
CA ASN A 406 18.22 -38.31 -20.48
C ASN A 406 19.50 -37.81 -19.86
N VAL A 407 19.58 -36.50 -19.67
CA VAL A 407 20.78 -35.91 -19.08
C VAL A 407 20.94 -36.37 -17.65
N LEU A 408 19.84 -36.38 -16.88
CA LEU A 408 19.88 -36.86 -15.51
C LEU A 408 20.41 -38.29 -15.46
N LEU A 409 19.87 -39.16 -16.32
CA LEU A 409 20.30 -40.55 -16.35
C LEU A 409 21.77 -40.67 -16.64
N ASN A 410 22.27 -39.94 -17.65
CA ASN A 410 23.67 -40.06 -18.03
C ASN A 410 24.59 -39.59 -16.90
N ALA A 411 24.24 -38.48 -16.25
CA ALA A 411 25.05 -37.98 -15.15
C ALA A 411 25.04 -38.93 -13.96
N VAL A 412 23.86 -39.47 -13.63
CA VAL A 412 23.75 -40.36 -12.48
C VAL A 412 24.50 -41.64 -12.72
N LEU A 413 24.38 -42.21 -13.94
CA LEU A 413 25.10 -43.43 -14.23
CA LEU A 413 25.10 -43.42 -14.28
C LEU A 413 26.61 -43.20 -14.27
N ALA A 414 27.05 -42.02 -14.72
CA ALA A 414 28.48 -41.73 -14.68
C ALA A 414 29.00 -41.66 -13.26
N ARG A 415 28.18 -41.14 -12.35
CA ARG A 415 28.55 -41.04 -10.94
C ARG A 415 28.47 -42.40 -10.26
N ALA A 416 27.42 -43.16 -10.54
CA ALA A 416 27.25 -44.43 -9.83
C ALA A 416 28.15 -45.53 -10.40
N GLY A 417 28.52 -45.40 -11.68
CA GLY A 417 29.31 -46.42 -12.34
C GLY A 417 28.45 -47.58 -12.80
N VAL A 418 28.89 -48.23 -13.89
CA VAL A 418 28.24 -49.42 -14.40
C VAL A 418 29.06 -50.62 -13.96
N ALA A 419 28.41 -51.56 -13.27
CA ALA A 419 29.01 -52.83 -12.93
C ALA A 419 28.88 -53.83 -14.08
N THR A 420 27.65 -54.07 -14.54
CA THR A 420 27.37 -55.01 -15.62
C THR A 420 26.13 -54.53 -16.38
N ARG A 421 25.92 -55.11 -17.57
CA ARG A 421 24.80 -54.72 -18.42
C ARG A 421 24.39 -55.82 -19.39
N HIS B 5 -25.80 54.54 7.68
CA HIS B 5 -24.56 55.24 7.34
C HIS B 5 -23.36 54.29 7.24
N HIS B 6 -22.19 54.84 6.92
CA HIS B 6 -20.98 54.04 6.71
C HIS B 6 -20.14 53.89 7.97
N HIS B 7 -19.65 52.67 8.16
CA HIS B 7 -18.62 52.35 9.14
C HIS B 7 -17.32 53.06 8.77
N HIS B 8 -16.52 53.43 9.79
CA HIS B 8 -15.17 53.95 9.54
C HIS B 8 -14.17 52.92 10.05
N MET B 9 -13.50 52.22 9.13
CA MET B 9 -12.49 51.25 9.55
C MET B 9 -11.43 51.91 10.43
N LYS B 10 -11.09 53.17 10.16
CA LYS B 10 -10.00 53.80 10.90
C LYS B 10 -10.34 54.06 12.37
N ASP B 11 -11.61 53.87 12.78
CA ASP B 11 -11.93 53.94 14.21
C ASP B 11 -11.34 52.76 14.98
N LEU B 12 -11.01 51.65 14.28
CA LEU B 12 -10.32 50.50 14.86
C LEU B 12 -11.09 49.95 16.07
N LEU B 13 -12.40 49.78 15.89
CA LEU B 13 -13.20 49.13 16.91
C LEU B 13 -12.68 47.72 17.13
N GLU B 14 -12.40 47.36 18.40
CA GLU B 14 -11.82 46.07 18.73
C GLU B 14 -12.75 45.24 19.61
N ILE B 15 -12.56 43.91 19.54
CA ILE B 15 -13.31 43.00 20.42
C ILE B 15 -12.66 42.86 21.79
N ASP B 16 -13.30 42.08 22.66
CA ASP B 16 -12.76 41.68 23.95
C ASP B 16 -12.10 40.33 23.73
N GLY B 17 -10.78 40.33 23.50
CA GLY B 17 -10.14 39.09 23.09
C GLY B 17 -10.12 38.06 24.21
N ALA B 18 -9.96 38.51 25.46
CA ALA B 18 -9.99 37.58 26.58
C ALA B 18 -11.36 36.93 26.74
N ARG B 19 -12.44 37.70 26.50
CA ARG B 19 -13.78 37.16 26.61
C ARG B 19 -14.01 36.10 25.56
N LEU B 20 -13.52 36.32 24.34
CA LEU B 20 -13.66 35.32 23.29
C LEU B 20 -12.83 34.07 23.62
N TRP B 21 -11.62 34.25 24.15
CA TRP B 21 -10.79 33.11 24.51
C TRP B 21 -11.46 32.27 25.59
N ARG B 22 -12.09 32.92 26.57
CA ARG B 22 -12.82 32.19 27.60
C ARG B 22 -14.01 31.45 27.02
N SER B 23 -14.71 32.04 26.04
CA SER B 23 -15.84 31.32 25.46
C SER B 23 -15.37 30.08 24.72
N LEU B 24 -14.22 30.17 24.07
CA LEU B 24 -13.63 29.00 23.43
C LEU B 24 -13.24 27.95 24.45
N ALA B 25 -12.64 28.37 25.55
CA ALA B 25 -12.27 27.40 26.58
C ALA B 25 -13.51 26.72 27.14
N ASP B 26 -14.58 27.49 27.38
CA ASP B 26 -15.80 26.93 27.93
C ASP B 26 -16.46 25.97 26.95
N MET B 27 -16.49 26.32 25.66
CA MET B 27 -17.14 25.45 24.68
C MET B 27 -16.32 24.18 24.50
N ALA B 28 -14.98 24.28 24.57
CA ALA B 28 -14.16 23.09 24.43
C ALA B 28 -14.35 22.09 25.56
N ARG B 29 -14.95 22.50 26.70
CA ARG B 29 -15.26 21.52 27.73
C ARG B 29 -16.34 20.54 27.29
N ILE B 30 -17.21 20.97 26.37
CA ILE B 30 -18.41 20.22 26.03
C ILE B 30 -17.99 19.15 25.02
N GLY B 31 -17.95 17.90 25.45
CA GLY B 31 -17.40 16.88 24.60
C GLY B 31 -15.91 16.68 24.70
N ALA B 32 -15.23 17.31 25.66
CA ALA B 32 -13.78 17.14 25.82
C ALA B 32 -13.43 15.66 25.82
N THR B 33 -12.39 15.31 25.06
CA THR B 33 -11.87 13.95 24.92
C THR B 33 -10.64 13.77 25.79
N PRO B 34 -10.29 12.51 26.14
CA PRO B 34 -9.09 12.26 26.96
C PRO B 34 -7.80 12.86 26.41
N ARG B 35 -7.66 12.97 25.10
CA ARG B 35 -6.45 13.53 24.51
C ARG B 35 -6.43 15.05 24.50
N GLY B 36 -7.49 15.69 24.98
CA GLY B 36 -7.53 17.14 25.02
C GLY B 36 -8.20 17.78 23.84
N GLY B 37 -8.90 16.98 23.02
CA GLY B 37 -9.67 17.47 21.91
C GLY B 37 -11.15 17.53 22.25
N VAL B 38 -11.98 17.50 21.21
CA VAL B 38 -13.40 17.73 21.36
C VAL B 38 -14.12 16.72 20.48
N ARG B 39 -15.12 16.04 21.04
CA ARG B 39 -16.00 15.16 20.28
C ARG B 39 -17.44 15.64 20.47
N ARG B 40 -17.96 16.36 19.48
CA ARG B 40 -19.37 16.71 19.39
C ARG B 40 -19.83 16.29 17.98
N LEU B 41 -19.99 14.99 17.78
CA LEU B 41 -20.51 14.51 16.50
C LEU B 41 -21.92 15.03 16.27
N ALA B 42 -22.20 15.44 15.03
CA ALA B 42 -23.45 16.11 14.69
C ALA B 42 -24.67 15.38 15.26
N LEU B 43 -25.51 16.13 15.96
CA LEU B 43 -26.81 15.72 16.48
C LEU B 43 -26.74 14.65 17.57
N THR B 44 -25.57 14.39 18.13
CA THR B 44 -25.48 13.60 19.35
C THR B 44 -25.80 14.49 20.54
N ASP B 45 -25.93 13.86 21.71
CA ASP B 45 -26.17 14.61 22.96
C ASP B 45 -25.14 15.71 23.16
N ASP B 46 -23.84 15.42 22.93
CA ASP B 46 -22.84 16.47 23.13
C ASP B 46 -22.93 17.58 22.09
N ASP B 47 -23.32 17.27 20.83
CA ASP B 47 -23.62 18.35 19.90
C ASP B 47 -24.78 19.20 20.41
N ARG B 48 -25.85 18.56 20.92
CA ARG B 48 -26.96 19.34 21.46
C ARG B 48 -26.51 20.21 22.63
N ARG B 49 -25.61 19.69 23.49
CA ARG B 49 -25.15 20.49 24.64
C ARG B 49 -24.36 21.71 24.15
N GLY B 50 -23.57 21.55 23.09
CA GLY B 50 -22.84 22.69 22.55
C GLY B 50 -23.73 23.69 21.87
N ARG B 51 -24.69 23.21 21.08
CA ARG B 51 -25.69 24.09 20.48
C ARG B 51 -26.44 24.87 21.54
N ASP B 52 -26.85 24.17 22.61
CA ASP B 52 -27.64 24.80 23.67
C ASP B 52 -26.84 25.85 24.43
N LEU B 53 -25.57 25.54 24.75
CA LEU B 53 -24.69 26.53 25.37
C LEU B 53 -24.56 27.78 24.50
N PHE B 54 -24.22 27.60 23.21
CA PHE B 54 -24.16 28.72 22.27
C PHE B 54 -25.47 29.50 22.23
N ALA B 55 -26.61 28.80 22.15
CA ALA B 55 -27.88 29.51 22.03
C ALA B 55 -28.13 30.34 23.26
N GLN B 56 -27.79 29.78 24.43
CA GLN B 56 -27.98 30.51 25.67
C GLN B 56 -27.16 31.80 25.67
N TRP B 57 -25.89 31.70 25.30
CA TRP B 57 -25.04 32.89 25.20
C TRP B 57 -25.65 33.91 24.26
N CYS B 58 -26.17 33.46 23.11
CA CYS B 58 -26.76 34.39 22.16
C CYS B 58 -27.96 35.12 22.74
N ARG B 59 -28.83 34.37 23.43
CA ARG B 59 -29.99 35.00 24.03
C ARG B 59 -29.58 35.96 25.14
N ASP B 60 -28.53 35.63 25.89
CA ASP B 60 -28.01 36.54 26.90
C ASP B 60 -27.43 37.80 26.27
N ALA B 61 -27.03 37.73 25.01
CA ALA B 61 -26.55 38.89 24.25
C ALA B 61 -27.69 39.58 23.50
N GLY B 62 -28.93 39.25 23.83
CA GLY B 62 -30.07 39.98 23.30
C GLY B 62 -30.58 39.48 21.97
N MET B 63 -30.08 38.35 21.50
CA MET B 63 -30.44 37.79 20.21
CA MET B 63 -30.51 37.85 20.20
C MET B 63 -31.65 36.86 20.34
N THR B 64 -32.34 36.64 19.22
CA THR B 64 -33.34 35.58 19.14
C THR B 64 -32.72 34.42 18.37
N VAL B 65 -33.09 33.20 18.76
CA VAL B 65 -32.45 31.99 18.25
C VAL B 65 -33.52 31.04 17.72
N SER B 66 -33.23 30.40 16.59
CA SER B 66 -34.15 29.45 15.99
C SER B 66 -33.33 28.42 15.21
N VAL B 67 -33.96 27.29 14.90
CA VAL B 67 -33.42 26.29 14.00
C VAL B 67 -34.36 26.13 12.81
N ASP B 68 -33.77 25.81 11.66
CA ASP B 68 -34.58 25.48 10.49
C ASP B 68 -34.82 23.98 10.44
N ALA B 69 -35.44 23.50 9.35
CA ALA B 69 -35.92 22.13 9.22
C ALA B 69 -34.81 21.10 9.12
N VAL B 70 -33.55 21.52 8.99
CA VAL B 70 -32.43 20.58 9.04
C VAL B 70 -31.50 20.89 10.21
N GLY B 71 -31.98 21.67 11.18
CA GLY B 71 -31.19 21.88 12.38
C GLY B 71 -30.18 23.00 12.30
N ASN B 72 -30.10 23.72 11.19
CA ASN B 72 -29.17 24.85 11.13
C ASN B 72 -29.60 25.84 12.20
N LEU B 73 -28.63 26.32 12.98
CA LEU B 73 -28.89 27.10 14.19
C LEU B 73 -28.56 28.56 13.93
N PHE B 74 -29.57 29.44 14.01
CA PHE B 74 -29.44 30.86 13.67
C PHE B 74 -29.72 31.75 14.86
N ALA B 75 -28.84 32.69 15.10
CA ALA B 75 -29.07 33.73 16.11
C ALA B 75 -29.18 35.07 15.39
N ARG B 76 -30.18 35.86 15.74
CA ARG B 76 -30.54 37.07 15.00
C ARG B 76 -30.36 38.31 15.84
N ARG B 77 -29.70 39.33 15.27
CA ARG B 77 -29.61 40.66 15.84
C ARG B 77 -30.16 41.65 14.81
N ASP B 78 -31.35 42.17 15.04
CA ASP B 78 -32.00 43.07 14.08
C ASP B 78 -31.13 44.30 13.86
N GLY B 79 -31.24 44.87 12.66
CA GLY B 79 -30.69 46.17 12.38
C GLY B 79 -31.81 47.19 12.26
N ALA B 80 -31.41 48.41 11.90
CA ALA B 80 -32.38 49.49 11.77
C ALA B 80 -33.23 49.34 10.52
N ASP B 81 -32.76 48.61 9.51
CA ASP B 81 -33.52 48.44 8.27
C ASP B 81 -34.33 47.16 8.40
N ALA B 82 -35.62 47.30 8.70
CA ALA B 82 -36.42 46.09 8.96
C ALA B 82 -36.54 45.20 7.74
N GLN B 83 -36.39 45.73 6.54
CA GLN B 83 -36.60 44.92 5.34
C GLN B 83 -35.33 44.29 4.79
N ALA B 84 -34.15 44.72 5.23
CA ALA B 84 -32.89 44.26 4.62
C ALA B 84 -32.55 42.81 4.97
N ALA B 85 -31.96 42.12 3.99
CA ALA B 85 -31.43 40.80 4.23
C ALA B 85 -30.22 40.89 5.17
N PRO B 86 -29.97 39.85 5.96
CA PRO B 86 -28.89 39.90 6.95
C PRO B 86 -27.51 39.66 6.34
N VAL B 87 -26.52 40.19 7.05
CA VAL B 87 -25.14 39.77 6.91
C VAL B 87 -24.96 38.61 7.88
N LEU B 88 -24.50 37.47 7.37
CA LEU B 88 -24.48 36.22 8.11
C LEU B 88 -23.04 35.89 8.42
N ILE B 89 -22.75 35.59 9.68
CA ILE B 89 -21.45 35.11 10.14
C ILE B 89 -21.64 33.67 10.53
N GLY B 90 -20.89 32.75 9.93
CA GLY B 90 -21.13 31.35 10.22
C GLY B 90 -19.87 30.52 10.36
N SER B 91 -20.06 29.33 10.91
CA SER B 91 -19.15 28.20 10.81
C SER B 91 -19.91 27.01 11.38
N HIS B 92 -19.29 26.16 12.21
CA HIS B 92 -19.99 24.98 12.70
C HIS B 92 -19.48 24.55 14.06
N LEU B 93 -20.40 24.06 14.90
CA LEU B 93 -20.05 23.59 16.23
C LEU B 93 -19.76 22.10 16.27
N ASP B 94 -20.18 21.34 15.26
CA ASP B 94 -19.93 19.90 15.29
C ASP B 94 -18.47 19.59 14.93
N THR B 95 -18.03 18.38 15.27
CA THR B 95 -16.62 18.01 15.15
C THR B 95 -16.47 16.66 14.48
N GLN B 96 -15.21 16.35 14.14
CA GLN B 96 -14.79 15.00 13.84
C GLN B 96 -14.83 14.14 15.11
N PRO B 97 -14.66 12.82 14.98
CA PRO B 97 -14.57 11.97 16.19
C PRO B 97 -13.54 12.45 17.20
N GLU B 98 -12.40 12.95 16.73
CA GLU B 98 -11.37 13.53 17.57
C GLU B 98 -11.07 14.91 17.02
N GLY B 99 -11.91 15.89 17.36
CA GLY B 99 -11.79 17.22 16.78
C GLY B 99 -10.89 18.13 17.58
N GLY B 100 -10.42 19.19 16.93
CA GLY B 100 -9.67 20.20 17.64
C GLY B 100 -10.58 21.21 18.33
N ARG B 101 -9.95 22.01 19.19
CA ARG B 101 -10.67 23.00 19.98
CA ARG B 101 -10.66 23.01 19.99
C ARG B 101 -10.96 24.29 19.22
N PHE B 102 -10.48 24.42 17.97
CA PHE B 102 -10.73 25.64 17.21
C PHE B 102 -11.45 25.42 15.89
N ASP B 103 -11.32 24.25 15.27
CA ASP B 103 -11.99 23.97 14.00
C ASP B 103 -13.48 24.19 14.13
N GLY B 104 -14.04 25.06 13.28
CA GLY B 104 -15.47 25.34 13.27
C GLY B 104 -15.95 26.23 14.38
N VAL B 105 -15.62 25.88 15.62
CA VAL B 105 -16.13 26.62 16.76
C VAL B 105 -15.60 28.04 16.78
N TYR B 106 -14.32 28.24 16.34
CA TYR B 106 -13.77 29.59 16.35
C TYR B 106 -14.67 30.57 15.59
N GLY B 107 -15.14 30.19 14.40
CA GLY B 107 -15.94 31.13 13.61
C GLY B 107 -17.31 31.41 14.19
N VAL B 108 -17.93 30.42 14.83
CA VAL B 108 -19.21 30.62 15.49
C VAL B 108 -19.04 31.56 16.68
N LEU B 109 -18.05 31.31 17.52
CA LEU B 109 -17.87 32.15 18.69
C LEU B 109 -17.26 33.49 18.37
N ALA B 110 -16.57 33.59 17.25
CA ALA B 110 -16.20 34.91 16.74
C ALA B 110 -17.43 35.74 16.43
N GLY B 111 -18.45 35.12 15.81
CA GLY B 111 -19.68 35.84 15.58
C GLY B 111 -20.32 36.30 16.88
N LEU B 112 -20.35 35.43 17.88
CA LEU B 112 -20.92 35.85 19.17
C LEU B 112 -20.13 37.01 19.74
N GLU B 113 -18.80 36.97 19.65
CA GLU B 113 -18.04 38.07 20.23
C GLU B 113 -18.28 39.36 19.44
N VAL B 114 -18.43 39.26 18.11
CA VAL B 114 -18.84 40.42 17.33
C VAL B 114 -20.09 41.07 17.92
N VAL B 115 -21.10 40.25 18.20
CA VAL B 115 -22.33 40.80 18.74
C VAL B 115 -22.11 41.38 20.14
N ARG B 116 -21.36 40.68 20.99
CA ARG B 116 -21.13 41.19 22.34
C ARG B 116 -20.39 42.52 22.29
N THR B 117 -19.47 42.66 21.35
CA THR B 117 -18.77 43.92 21.17
C THR B 117 -19.71 45.02 20.67
N LEU B 118 -20.58 44.71 19.69
CA LEU B 118 -21.54 45.71 19.25
C LEU B 118 -22.47 46.13 20.39
N ASN B 119 -22.88 45.18 21.24
CA ASN B 119 -23.70 45.50 22.40
C ASN B 119 -22.96 46.43 23.36
N ASP B 120 -21.68 46.12 23.64
CA ASP B 120 -20.89 46.96 24.53
C ASP B 120 -20.75 48.37 23.99
N ALA B 121 -20.59 48.51 22.67
CA ALA B 121 -20.39 49.80 22.04
C ALA B 121 -21.68 50.55 21.77
N GLY B 122 -22.83 49.93 22.00
CA GLY B 122 -24.08 50.58 21.66
C GLY B 122 -24.34 50.77 20.19
N ILE B 123 -23.85 49.86 19.34
CA ILE B 123 -23.91 50.04 17.89
C ILE B 123 -25.12 49.29 17.36
N VAL B 124 -25.92 49.99 16.56
CA VAL B 124 -27.01 49.39 15.82
C VAL B 124 -26.61 49.37 14.35
N THR B 125 -26.70 48.20 13.72
CA THR B 125 -26.32 48.13 12.33
C THR B 125 -27.51 48.50 11.46
N ASP B 126 -27.24 48.75 10.19
CA ASP B 126 -28.32 48.98 9.23
CA ASP B 126 -28.32 48.98 9.23
C ASP B 126 -28.94 47.66 8.82
N LYS B 127 -28.18 46.83 8.13
CA LYS B 127 -28.64 45.49 7.83
C LYS B 127 -28.57 44.65 9.10
N PRO B 128 -29.48 43.72 9.28
CA PRO B 128 -29.39 42.81 10.43
C PRO B 128 -28.18 41.89 10.33
N LEU B 129 -27.74 41.39 11.49
CA LEU B 129 -26.70 40.37 11.59
C LEU B 129 -27.32 39.06 12.02
N GLU B 130 -26.78 37.95 11.51
CA GLU B 130 -27.15 36.65 12.03
C GLU B 130 -25.87 35.84 12.18
N ILE B 131 -25.83 35.01 13.22
CA ILE B 131 -24.75 34.06 13.41
C ILE B 131 -25.36 32.68 13.17
N VAL B 132 -24.63 31.83 12.46
CA VAL B 132 -25.14 30.49 12.15
C VAL B 132 -24.10 29.42 12.46
N SER B 133 -24.57 28.32 13.05
CA SER B 133 -23.81 27.09 13.13
C SER B 133 -24.54 26.08 12.24
N TRP B 134 -23.90 25.64 11.16
CA TRP B 134 -24.55 24.75 10.19
C TRP B 134 -24.52 23.32 10.66
N THR B 135 -25.62 22.60 10.42
CA THR B 135 -25.69 21.19 10.80
C THR B 135 -24.70 20.34 10.03
N ASN B 136 -24.04 19.41 10.74
CA ASN B 136 -23.23 18.33 10.13
C ASN B 136 -22.29 18.86 9.07
N GLU B 137 -21.50 19.88 9.42
CA GLU B 137 -20.47 20.34 8.49
C GLU B 137 -19.42 19.24 8.26
N GLU B 138 -19.13 18.44 9.29
CA GLU B 138 -17.96 17.56 9.21
C GLU B 138 -18.13 16.34 8.31
N GLY B 139 -19.36 15.92 8.00
CA GLY B 139 -19.53 14.74 7.18
C GLY B 139 -19.05 13.44 7.81
N ALA B 140 -18.96 13.36 9.13
CA ALA B 140 -18.47 12.17 9.81
C ALA B 140 -19.61 11.22 10.18
N ARG B 141 -20.59 11.72 10.94
CA ARG B 141 -21.71 10.86 11.32
C ARG B 141 -22.65 10.62 10.16
N PHE B 142 -22.95 11.68 9.40
CA PHE B 142 -23.79 11.59 8.21
C PHE B 142 -23.02 12.13 7.02
N ALA B 143 -23.33 11.59 5.84
CA ALA B 143 -22.81 12.16 4.60
C ALA B 143 -23.86 13.06 3.97
N PRO B 144 -23.47 14.15 3.29
CA PRO B 144 -22.09 14.59 3.04
C PRO B 144 -21.54 15.57 4.07
N ALA B 145 -20.29 15.95 3.87
CA ALA B 145 -19.79 17.14 4.56
C ALA B 145 -20.61 18.34 4.10
N MET B 146 -20.65 19.37 4.97
CA MET B 146 -21.36 20.61 4.68
C MET B 146 -22.81 20.33 4.34
N LEU B 147 -23.39 19.37 5.05
CA LEU B 147 -24.77 18.95 4.78
C LEU B 147 -25.75 20.09 5.02
N GLY B 148 -25.63 20.76 6.17
CA GLY B 148 -26.58 21.81 6.51
C GLY B 148 -26.51 23.00 5.55
N SER B 149 -25.30 23.45 5.22
CA SER B 149 -25.20 24.56 4.28
C SER B 149 -25.57 24.13 2.86
N ALA B 150 -25.27 22.89 2.47
CA ALA B 150 -25.75 22.40 1.18
C ALA B 150 -27.27 22.41 1.09
N VAL B 151 -27.97 22.06 2.19
CA VAL B 151 -29.43 22.13 2.16
C VAL B 151 -29.89 23.59 2.11
N PHE B 152 -29.26 24.46 2.90
CA PHE B 152 -29.58 25.89 2.87
C PHE B 152 -29.46 26.49 1.47
N THR B 153 -28.41 26.14 0.74
CA THR B 153 -28.20 26.72 -0.60
C THR B 153 -28.95 25.99 -1.70
N GLY B 154 -29.65 24.90 -1.40
CA GLY B 154 -30.36 24.16 -2.41
C GLY B 154 -29.53 23.14 -3.17
N ALA B 155 -28.27 22.93 -2.78
CA ALA B 155 -27.41 21.97 -3.45
C ALA B 155 -27.78 20.54 -3.08
N LEU B 156 -28.39 20.36 -1.91
CA LEU B 156 -28.83 19.06 -1.42
C LEU B 156 -30.30 19.18 -1.04
N PRO B 157 -31.20 18.43 -1.65
CA PRO B 157 -32.62 18.54 -1.26
C PRO B 157 -32.84 18.13 0.20
N LEU B 158 -33.78 18.83 0.85
CA LEU B 158 -34.07 18.60 2.27
C LEU B 158 -34.47 17.16 2.54
N ASP B 159 -35.35 16.57 1.71
CA ASP B 159 -35.77 15.21 1.97
C ASP B 159 -34.62 14.22 1.82
N ASP B 160 -33.70 14.46 0.89
CA ASP B 160 -32.55 13.58 0.78
C ASP B 160 -31.69 13.67 2.03
N ALA B 161 -31.51 14.88 2.56
CA ALA B 161 -30.71 15.05 3.76
C ALA B 161 -31.35 14.36 4.97
N LEU B 162 -32.67 14.54 5.15
CA LEU B 162 -33.34 13.96 6.30
C LEU B 162 -33.26 12.45 6.30
N ALA B 163 -33.10 11.83 5.13
CA ALA B 163 -33.08 10.39 5.01
C ALA B 163 -31.68 9.79 5.13
N ARG B 164 -30.63 10.63 5.16
CA ARG B 164 -29.28 10.12 5.33
C ARG B 164 -29.19 9.36 6.65
N GLN B 165 -28.51 8.21 6.61
CA GLN B 165 -28.39 7.36 7.77
C GLN B 165 -26.95 7.33 8.23
N ASP B 166 -26.77 7.23 9.55
CA ASP B 166 -25.43 7.07 10.07
C ASP B 166 -25.07 5.58 10.07
N ALA B 167 -23.91 5.24 10.62
CA ALA B 167 -23.45 3.84 10.60
C ALA B 167 -24.38 2.90 11.36
N GLU B 168 -25.19 3.43 12.28
CA GLU B 168 -26.11 2.63 13.06
C GLU B 168 -27.51 2.55 12.44
N GLY B 169 -27.72 3.15 11.26
CA GLY B 169 -29.00 3.11 10.60
C GLY B 169 -29.95 4.21 10.98
N ILE B 170 -29.54 5.10 11.87
CA ILE B 170 -30.38 6.20 12.33
C ILE B 170 -30.42 7.28 11.27
N THR B 171 -31.62 7.76 10.95
CA THR B 171 -31.73 8.83 9.97
C THR B 171 -31.40 10.18 10.60
N LEU B 172 -30.98 11.12 9.76
CA LEU B 172 -30.73 12.46 10.25
C LEU B 172 -32.02 13.09 10.81
N GLY B 173 -33.15 12.85 10.15
CA GLY B 173 -34.41 13.35 10.71
C GLY B 173 -34.69 12.79 12.09
N ALA B 174 -34.52 11.47 12.26
CA ALA B 174 -34.67 10.88 13.59
C ALA B 174 -33.70 11.52 14.57
N ALA B 175 -32.46 11.80 14.12
CA ALA B 175 -31.47 12.39 15.02
C ALA B 175 -31.84 13.82 15.38
N LEU B 176 -32.41 14.57 14.42
CA LEU B 176 -32.90 15.91 14.73
C LEU B 176 -33.99 15.84 15.81
N ASP B 177 -34.89 14.86 15.70
CA ASP B 177 -35.95 14.70 16.69
C ASP B 177 -35.39 14.36 18.06
N ALA B 178 -34.36 13.50 18.10
CA ALA B 178 -33.72 13.17 19.36
C ALA B 178 -33.00 14.37 19.96
N CYS B 179 -32.40 15.20 19.11
CA CYS B 179 -31.72 16.44 19.48
C CYS B 179 -32.71 17.51 19.94
N GLY B 180 -33.97 17.42 19.50
CA GLY B 180 -34.93 18.49 19.72
C GLY B 180 -34.64 19.71 18.87
N CYS B 181 -34.00 19.54 17.71
CA CYS B 181 -33.63 20.71 16.95
C CYS B 181 -34.11 20.63 15.51
N ARG B 182 -35.23 19.95 15.27
CA ARG B 182 -35.92 20.01 13.98
C ARG B 182 -36.85 21.23 13.96
N GLY B 183 -36.41 22.32 13.33
CA GLY B 183 -37.26 23.47 13.20
C GLY B 183 -38.34 23.22 12.16
N THR B 184 -39.35 24.11 12.16
CA THR B 184 -40.43 23.99 11.18
C THR B 184 -40.18 24.80 9.92
N ARG B 185 -39.21 25.73 9.94
CA ARG B 185 -39.02 26.67 8.84
C ARG B 185 -38.17 26.04 7.74
N ALA B 186 -38.62 26.14 6.49
CA ALA B 186 -37.84 25.58 5.39
C ALA B 186 -36.47 26.25 5.33
N PRO B 187 -35.39 25.49 5.11
CA PRO B 187 -34.06 26.13 5.04
C PRO B 187 -33.93 27.03 3.83
N GLY B 188 -33.19 28.10 4.00
CA GLY B 188 -32.95 29.07 2.94
C GLY B 188 -33.35 30.46 3.37
N GLY B 189 -33.28 31.38 2.42
CA GLY B 189 -33.69 32.73 2.68
C GLY B 189 -32.64 33.72 2.20
N ALA B 190 -33.03 34.99 2.09
CA ALA B 190 -32.17 36.00 1.52
C ALA B 190 -31.01 36.30 2.45
N VAL B 191 -29.81 36.44 1.87
CA VAL B 191 -28.60 36.75 2.62
C VAL B 191 -27.84 37.83 1.87
N ASP B 192 -27.47 38.91 2.56
CA ASP B 192 -26.70 39.98 1.89
C ASP B 192 -25.27 39.55 1.62
N ALA B 193 -24.65 38.91 2.60
CA ALA B 193 -23.26 38.47 2.49
C ALA B 193 -23.04 37.43 3.58
N TYR B 194 -22.04 36.57 3.36
CA TYR B 194 -21.71 35.52 4.31
C TYR B 194 -20.23 35.63 4.60
N PHE B 195 -19.89 35.72 5.89
CA PHE B 195 -18.49 35.74 6.30
C PHE B 195 -18.20 34.57 7.24
N GLU B 196 -17.02 33.96 7.11
CA GLU B 196 -16.66 32.85 7.98
C GLU B 196 -15.21 33.02 8.41
N ALA B 197 -14.97 33.07 9.72
CA ALA B 197 -13.60 33.01 10.23
C ALA B 197 -13.23 31.58 10.55
N HIS B 198 -11.97 31.21 10.26
CA HIS B 198 -11.56 29.83 10.46
C HIS B 198 -10.04 29.78 10.64
N ILE B 199 -9.58 28.79 11.39
CA ILE B 199 -8.13 28.53 11.38
C ILE B 199 -7.73 28.03 10.00
N GLU B 200 -6.50 28.32 9.60
CA GLU B 200 -6.04 27.96 8.25
C GLU B 200 -6.12 26.47 7.95
N GLN B 201 -5.87 25.62 8.94
CA GLN B 201 -5.66 24.17 8.76
C GLN B 201 -4.50 23.86 7.83
N GLY B 202 -3.56 24.77 7.73
CA GLY B 202 -2.35 24.59 6.93
C GLY B 202 -1.24 25.40 7.57
N PRO B 203 -0.04 25.32 7.02
CA PRO B 203 1.15 25.90 7.68
C PRO B 203 1.57 27.28 7.20
N VAL B 204 0.87 27.87 6.21
CA VAL B 204 1.43 29.03 5.51
C VAL B 204 1.46 30.26 6.42
N LEU B 205 0.34 30.60 7.05
CA LEU B 205 0.33 31.83 7.82
C LEU B 205 1.27 31.74 9.02
N GLU B 206 1.28 30.58 9.69
CA GLU B 206 2.15 30.42 10.85
C GLU B 206 3.62 30.49 10.42
N ALA B 207 3.96 29.85 9.30
CA ALA B 207 5.34 29.84 8.83
C ALA B 207 5.81 31.22 8.40
N ASN B 208 4.91 32.05 7.88
CA ASN B 208 5.27 33.39 7.43
C ASN B 208 5.09 34.47 8.49
N GLY B 209 4.58 34.13 9.67
CA GLY B 209 4.25 35.19 10.60
C GLY B 209 3.12 36.07 10.12
N THR B 210 2.21 35.53 9.31
CA THR B 210 1.09 36.30 8.82
C THR B 210 -0.10 36.11 9.74
N THR B 211 -0.65 37.21 10.23
CA THR B 211 -1.79 37.14 11.14
C THR B 211 -3.10 36.85 10.41
N ILE B 212 -3.32 37.46 9.26
CA ILE B 212 -4.60 37.43 8.57
C ILE B 212 -4.44 36.78 7.20
N GLY B 213 -5.14 35.65 6.99
CA GLY B 213 -5.24 35.10 5.65
C GLY B 213 -6.47 35.68 4.97
N ILE B 214 -6.27 36.43 3.90
CA ILE B 214 -7.35 37.00 3.08
C ILE B 214 -7.75 35.90 2.11
N VAL B 215 -8.83 35.16 2.40
CA VAL B 215 -9.08 33.92 1.67
C VAL B 215 -9.72 34.24 0.34
N THR B 216 -9.18 33.68 -0.74
CA THR B 216 -9.65 34.06 -2.07
C THR B 216 -10.72 33.13 -2.62
N GLY B 217 -10.85 31.93 -2.10
CA GLY B 217 -11.75 30.94 -2.67
C GLY B 217 -11.23 29.55 -2.35
N GLY B 218 -11.88 28.57 -2.97
CA GLY B 218 -11.47 27.18 -2.84
C GLY B 218 -10.91 26.69 -4.15
N GLN B 219 -10.18 25.57 -4.10
CA GLN B 219 -9.45 25.02 -5.23
C GLN B 219 -10.37 24.22 -6.16
N ALA B 220 -9.92 24.06 -7.40
CA ALA B 220 -10.40 22.95 -8.24
C ALA B 220 -9.66 21.68 -7.84
N ILE B 221 -10.40 20.57 -7.72
CA ILE B 221 -9.88 19.31 -7.20
C ILE B 221 -10.24 18.19 -8.17
N ARG B 222 -9.29 17.31 -8.43
CA ARG B 222 -9.56 16.05 -9.11
C ARG B 222 -9.02 14.91 -8.25
N TRP B 223 -9.79 13.84 -8.14
CA TRP B 223 -9.34 12.58 -7.54
C TRP B 223 -9.28 11.54 -8.63
N LEU B 224 -8.14 10.87 -8.73
CA LEU B 224 -7.89 9.88 -9.77
C LEU B 224 -7.56 8.55 -9.11
N ASP B 225 -7.94 7.48 -9.80
CA ASP B 225 -7.49 6.13 -9.47
C ASP B 225 -6.57 5.69 -10.59
N VAL B 226 -5.39 5.20 -10.23
CA VAL B 226 -4.43 4.72 -11.20
C VAL B 226 -4.18 3.23 -10.93
N ARG B 227 -4.15 2.44 -11.99
CA ARG B 227 -3.80 1.04 -11.87
C ARG B 227 -2.75 0.70 -12.93
N VAL B 228 -1.64 0.12 -12.49
CA VAL B 228 -0.56 -0.25 -13.38
C VAL B 228 -0.46 -1.77 -13.40
N THR B 229 -0.44 -2.36 -14.59
CA THR B 229 -0.44 -3.81 -14.73
C THR B 229 0.86 -4.24 -15.38
N GLY B 230 1.53 -5.21 -14.76
CA GLY B 230 2.71 -5.81 -15.35
C GLY B 230 2.60 -7.32 -15.29
N VAL B 231 3.72 -7.97 -15.01
CA VAL B 231 3.78 -9.42 -14.98
C VAL B 231 4.38 -9.82 -13.64
N ALA B 232 3.68 -10.66 -12.86
N ALA B 232 3.55 -10.40 -12.79
CA ALA B 232 4.09 -10.96 -11.48
CA ALA B 232 4.04 -11.07 -11.61
C ALA B 232 4.92 -12.25 -11.41
C ALA B 232 4.90 -12.21 -12.08
N ALA B 233 6.19 -12.12 -11.77
CA ALA B 233 7.12 -13.20 -11.98
C ALA B 233 8.04 -13.32 -10.77
N HIS B 234 8.73 -14.44 -10.68
CA HIS B 234 9.54 -14.68 -9.48
C HIS B 234 10.76 -13.75 -9.41
N ALA B 235 11.00 -13.21 -8.21
CA ALA B 235 12.05 -12.22 -7.95
C ALA B 235 13.46 -12.77 -8.13
N GLY B 236 13.64 -14.08 -8.09
CA GLY B 236 14.97 -14.65 -8.22
C GLY B 236 15.22 -15.33 -9.56
N THR B 237 14.19 -15.89 -10.18
CA THR B 237 14.37 -16.64 -11.44
C THR B 237 14.27 -15.76 -12.68
N THR B 238 13.90 -14.48 -12.54
CA THR B 238 13.60 -13.63 -13.69
C THR B 238 14.67 -12.58 -13.86
N PRO B 239 15.57 -12.70 -14.83
CA PRO B 239 16.58 -11.65 -15.01
C PRO B 239 15.92 -10.31 -15.35
N MET B 240 16.66 -9.24 -15.06
CA MET B 240 16.06 -7.91 -15.14
C MET B 240 15.50 -7.59 -16.52
N PRO B 241 16.16 -7.94 -17.63
CA PRO B 241 15.61 -7.56 -18.95
C PRO B 241 14.28 -8.21 -19.30
N TYR B 242 13.90 -9.30 -18.64
CA TYR B 242 12.62 -9.95 -18.92
C TYR B 242 11.46 -9.34 -18.16
N ARG B 243 11.74 -8.42 -17.25
CA ARG B 243 10.74 -7.99 -16.28
C ARG B 243 9.82 -6.92 -16.84
N LYS B 244 8.59 -6.94 -16.34
CA LYS B 244 7.58 -5.89 -16.59
C LYS B 244 7.06 -5.51 -15.20
N ASP B 245 7.84 -4.71 -14.50
CA ASP B 245 7.68 -4.44 -13.08
C ASP B 245 6.74 -3.27 -12.89
N ALA B 246 5.51 -3.54 -12.44
CA ALA B 246 4.52 -2.49 -12.27
C ALA B 246 4.88 -1.54 -11.13
N TYR B 247 5.74 -1.95 -10.19
CA TYR B 247 6.02 -1.03 -9.10
C TYR B 247 7.12 -0.04 -9.47
N PHE B 248 8.17 -0.50 -10.17
CA PHE B 248 9.15 0.47 -10.66
C PHE B 248 8.49 1.42 -11.63
N ALA B 249 7.53 0.93 -12.42
CA ALA B 249 6.79 1.80 -13.34
C ALA B 249 5.99 2.84 -12.57
N SER B 250 5.29 2.40 -11.52
CA SER B 250 4.50 3.32 -10.71
C SER B 250 5.36 4.36 -10.06
N ALA B 251 6.56 3.96 -9.62
CA ALA B 251 7.48 4.90 -9.01
C ALA B 251 7.91 5.97 -10.00
N GLN B 252 8.21 5.57 -11.25
CA GLN B 252 8.58 6.59 -12.21
C GLN B 252 7.40 7.51 -12.51
N MET B 253 6.19 6.96 -12.56
CA MET B 253 5.04 7.82 -12.80
C MET B 253 4.88 8.83 -11.66
N ALA B 254 5.15 8.41 -10.42
CA ALA B 254 5.07 9.36 -9.32
C ALA B 254 6.02 10.52 -9.52
N LEU B 255 7.24 10.23 -10.00
CA LEU B 255 8.19 11.31 -10.18
C LEU B 255 7.83 12.17 -11.39
N GLU B 256 7.17 11.59 -12.39
CA GLU B 256 6.59 12.41 -13.47
C GLU B 256 5.55 13.35 -12.92
N LEU B 257 4.72 12.85 -12.01
CA LEU B 257 3.71 13.71 -11.41
C LEU B 257 4.37 14.86 -10.65
N GLU B 258 5.42 14.55 -9.88
CA GLU B 258 6.16 15.61 -9.19
C GLU B 258 6.66 16.66 -10.16
N ARG B 259 7.16 16.25 -11.32
CA ARG B 259 7.66 17.21 -12.31
C ARG B 259 6.52 18.04 -12.89
N ILE B 260 5.40 17.40 -13.22
CA ILE B 260 4.24 18.13 -13.75
C ILE B 260 3.78 19.20 -12.77
N VAL B 261 3.68 18.87 -11.48
CA VAL B 261 3.24 19.85 -10.48
CA VAL B 261 3.20 19.87 -10.53
C VAL B 261 4.23 20.99 -10.39
N ALA B 262 5.52 20.66 -10.41
CA ALA B 262 6.56 21.69 -10.36
C ALA B 262 6.40 22.69 -11.50
N GLY B 263 5.95 22.23 -12.67
CA GLY B 263 5.69 23.12 -13.79
C GLY B 263 4.49 24.01 -13.61
N HIS B 264 3.63 23.72 -12.62
CA HIS B 264 2.45 24.53 -12.34
C HIS B 264 2.54 25.28 -11.03
N ALA B 265 3.74 25.45 -10.52
CA ALA B 265 3.95 26.15 -9.27
C ALA B 265 3.60 27.63 -9.43
N PRO B 266 3.03 28.25 -8.37
CA PRO B 266 2.84 27.66 -7.06
C PRO B 266 1.44 27.09 -6.83
N ARG B 267 0.52 27.30 -7.77
CA ARG B 267 -0.88 27.01 -7.50
C ARG B 267 -1.25 25.54 -7.65
N GLY B 268 -0.45 24.76 -8.39
CA GLY B 268 -0.75 23.37 -8.59
C GLY B 268 -0.21 22.53 -7.44
N LEU B 269 -1.01 21.55 -7.01
CA LEU B 269 -0.60 20.59 -5.98
C LEU B 269 -0.96 19.18 -6.42
N ALA B 270 -0.20 18.20 -5.94
CA ALA B 270 -0.61 16.83 -6.18
C ALA B 270 -0.08 15.94 -5.06
N THR B 271 -0.88 14.93 -4.74
CA THR B 271 -0.64 14.08 -3.60
C THR B 271 -1.05 12.66 -3.96
N ILE B 272 -0.14 11.70 -3.74
CA ILE B 272 -0.48 10.29 -3.85
C ILE B 272 -0.65 9.81 -2.41
N GLY B 273 -1.89 9.74 -1.98
CA GLY B 273 -2.21 9.42 -0.60
C GLY B 273 -2.47 7.96 -0.29
N GLN B 274 -2.85 7.17 -1.28
CA GLN B 274 -3.02 5.75 -1.09
C GLN B 274 -2.27 5.02 -2.19
N ALA B 275 -1.63 3.90 -1.83
CA ALA B 275 -0.89 3.15 -2.82
C ALA B 275 -0.57 1.78 -2.27
N GLY B 276 -0.60 0.78 -3.16
CA GLY B 276 -0.28 -0.57 -2.72
C GLY B 276 -0.01 -1.49 -3.87
N ILE B 277 0.84 -2.48 -3.61
CA ILE B 277 1.02 -3.61 -4.51
C ILE B 277 0.01 -4.65 -4.11
N ARG B 278 -0.84 -5.06 -5.06
CA ARG B 278 -1.89 -6.03 -4.79
C ARG B 278 -1.39 -7.46 -4.93
N ASN B 279 -2.01 -8.38 -4.16
CA ASN B 279 -1.63 -9.79 -4.16
C ASN B 279 -0.12 -9.96 -4.03
N ALA B 280 0.43 -9.26 -3.04
CA ALA B 280 1.86 -8.99 -2.98
C ALA B 280 2.60 -10.06 -2.18
N SER B 281 3.83 -10.37 -2.62
CA SER B 281 4.75 -11.23 -1.89
CA SER B 281 4.74 -11.17 -1.83
C SER B 281 6.16 -10.66 -2.06
N ARG B 282 7.01 -10.87 -1.04
CA ARG B 282 8.35 -10.29 -1.06
CA ARG B 282 8.34 -10.28 -1.08
C ARG B 282 9.17 -10.77 -2.25
N ASN B 283 8.98 -12.02 -2.69
CA ASN B 283 9.81 -12.57 -3.75
C ASN B 283 9.04 -12.69 -5.07
N THR B 284 8.07 -11.82 -5.27
CA THR B 284 7.33 -11.77 -6.53
C THR B 284 7.34 -10.34 -7.06
N ILE B 285 7.75 -10.18 -8.32
CA ILE B 285 7.63 -8.89 -9.00
C ILE B 285 6.19 -8.41 -8.97
N ALA B 286 6.01 -7.10 -8.75
CA ALA B 286 4.67 -6.50 -8.74
C ALA B 286 4.06 -6.57 -10.14
N GLY B 287 2.90 -7.20 -10.24
CA GLY B 287 2.15 -7.22 -11.49
C GLY B 287 0.92 -6.34 -11.46
N ASP B 288 0.55 -5.80 -10.29
CA ASP B 288 -0.72 -5.10 -10.13
C ASP B 288 -0.53 -4.07 -9.03
N VAL B 289 -0.44 -2.79 -9.40
CA VAL B 289 -0.19 -1.71 -8.45
C VAL B 289 -1.29 -0.69 -8.62
N THR B 290 -1.86 -0.24 -7.52
CA THR B 290 -2.86 0.83 -7.55
C THR B 290 -2.37 1.99 -6.71
N PHE B 291 -2.65 3.21 -7.15
CA PHE B 291 -2.45 4.34 -6.26
C PHE B 291 -3.48 5.41 -6.61
N THR B 292 -3.69 6.33 -5.68
CA THR B 292 -4.62 7.43 -5.90
C THR B 292 -3.85 8.72 -6.12
N VAL B 293 -4.46 9.65 -6.85
CA VAL B 293 -3.89 10.97 -7.05
C VAL B 293 -4.93 12.00 -6.65
N ASP B 294 -4.52 12.95 -5.80
CA ASP B 294 -5.29 14.14 -5.49
C ASP B 294 -4.59 15.30 -6.19
N LEU B 295 -5.28 15.96 -7.12
CA LEU B 295 -4.75 17.08 -7.91
C LEU B 295 -5.50 18.36 -7.55
N ARG B 296 -4.77 19.46 -7.38
CA ARG B 296 -5.41 20.73 -7.06
C ARG B 296 -4.83 21.84 -7.91
N HIS B 297 -5.65 22.85 -8.17
CA HIS B 297 -5.17 24.10 -8.74
C HIS B 297 -6.19 25.17 -8.37
N HIS B 298 -5.83 26.42 -8.61
CA HIS B 298 -6.81 27.48 -8.42
C HIS B 298 -7.85 27.51 -9.53
N ASP B 299 -7.55 26.91 -10.68
CA ASP B 299 -8.32 27.04 -11.90
CA ASP B 299 -8.34 27.05 -11.89
C ASP B 299 -8.68 25.66 -12.43
N ASP B 300 -9.91 25.49 -12.90
CA ASP B 300 -10.33 24.18 -13.40
C ASP B 300 -9.61 23.82 -14.68
N ALA B 301 -9.39 24.79 -15.57
CA ALA B 301 -8.68 24.48 -16.80
C ALA B 301 -7.26 24.00 -16.51
N GLN B 302 -6.59 24.61 -15.52
CA GLN B 302 -5.23 24.22 -15.22
C GLN B 302 -5.17 22.87 -14.51
N VAL B 303 -6.11 22.58 -13.61
CA VAL B 303 -6.06 21.25 -12.99
C VAL B 303 -6.36 20.20 -14.05
N ASP B 304 -7.24 20.49 -15.01
CA ASP B 304 -7.48 19.56 -16.10
CA ASP B 304 -7.48 19.56 -16.10
C ASP B 304 -6.23 19.39 -16.95
N ALA B 305 -5.48 20.49 -17.14
CA ALA B 305 -4.24 20.39 -17.90
C ALA B 305 -3.23 19.51 -17.19
N MET B 306 -3.13 19.64 -15.86
CA MET B 306 -2.27 18.75 -15.09
C MET B 306 -2.70 17.29 -15.28
N GLU B 307 -4.01 17.03 -15.26
CA GLU B 307 -4.51 15.66 -15.46
C GLU B 307 -4.09 15.12 -16.82
N ARG B 308 -4.31 15.91 -17.88
CA ARG B 308 -3.96 15.43 -19.21
C ARG B 308 -2.45 15.23 -19.35
N ALA B 309 -1.64 16.11 -18.75
CA ALA B 309 -0.19 15.90 -18.71
C ALA B 309 0.17 14.60 -18.01
N LEU B 310 -0.52 14.29 -16.91
CA LEU B 310 -0.25 13.05 -16.21
C LEU B 310 -0.64 11.84 -17.05
N ARG B 311 -1.77 11.92 -17.74
CA ARG B 311 -2.13 10.79 -18.59
C ARG B 311 -1.10 10.56 -19.68
N ASP B 312 -0.63 11.65 -20.29
CA ASP B 312 0.38 11.55 -21.35
C ASP B 312 1.66 10.95 -20.78
N ALA B 313 2.10 11.47 -19.63
CA ALA B 313 3.36 11.01 -19.03
C ALA B 313 3.29 9.55 -18.65
N CYS B 314 2.19 9.14 -17.98
CA CYS B 314 2.06 7.74 -17.60
C CYS B 314 2.02 6.83 -18.82
N ALA B 315 1.36 7.26 -19.90
CA ALA B 315 1.39 6.45 -21.10
C ALA B 315 2.80 6.24 -21.60
N ARG B 316 3.62 7.29 -21.57
CA ARG B 316 5.01 7.19 -22.05
C ARG B 316 5.83 6.26 -21.18
N VAL B 317 5.70 6.41 -19.84
CA VAL B 317 6.39 5.51 -18.91
C VAL B 317 5.97 4.07 -19.15
N ALA B 318 4.67 3.85 -19.32
CA ALA B 318 4.19 2.47 -19.48
C ALA B 318 4.74 1.83 -20.74
N ALA B 319 4.79 2.61 -21.84
CA ALA B 319 5.29 2.06 -23.10
C ALA B 319 6.77 1.74 -23.01
N ALA B 320 7.51 2.57 -22.28
CA ALA B 320 8.95 2.34 -22.15
C ALA B 320 9.25 1.11 -21.32
N ARG B 321 8.39 0.77 -20.37
CA ARG B 321 8.63 -0.32 -19.44
C ARG B 321 7.84 -1.58 -19.76
N GLY B 322 7.02 -1.55 -20.81
CA GLY B 322 6.22 -2.71 -21.17
C GLY B 322 5.08 -3.05 -20.22
N VAL B 323 4.51 -2.05 -19.54
CA VAL B 323 3.40 -2.30 -18.62
C VAL B 323 2.19 -1.55 -19.18
N GLN B 324 1.03 -1.72 -18.54
CA GLN B 324 -0.19 -1.03 -18.93
C GLN B 324 -0.65 -0.16 -17.78
N VAL B 325 -1.29 0.96 -18.10
CA VAL B 325 -1.75 1.87 -17.06
C VAL B 325 -3.13 2.37 -17.43
N ALA B 326 -4.00 2.40 -16.43
CA ALA B 326 -5.34 2.93 -16.59
C ALA B 326 -5.57 4.01 -15.55
N ILE B 327 -6.15 5.14 -15.96
CA ILE B 327 -6.35 6.27 -15.07
C ILE B 327 -7.81 6.68 -15.15
N ASP B 328 -8.49 6.63 -14.01
CA ASP B 328 -9.91 6.95 -13.93
C ASP B 328 -10.09 8.12 -12.97
N THR B 329 -10.91 9.08 -13.38
CA THR B 329 -11.23 10.21 -12.50
C THR B 329 -12.50 9.85 -11.74
N CYS B 330 -12.40 9.70 -10.42
CA CYS B 330 -13.53 9.26 -9.63
C CYS B 330 -14.21 10.38 -8.84
N TRP B 331 -13.62 11.57 -8.76
CA TRP B 331 -14.29 12.73 -8.15
C TRP B 331 -13.75 14.00 -8.77
N ARG B 332 -14.64 14.95 -9.03
CA ARG B 332 -14.26 16.29 -9.48
C ARG B 332 -15.01 17.31 -8.64
N SER B 333 -14.35 18.42 -8.33
CA SER B 333 -14.99 19.56 -7.67
C SER B 333 -14.46 20.83 -8.29
N PRO B 334 -15.32 21.79 -8.58
CA PRO B 334 -14.88 23.00 -9.27
C PRO B 334 -14.22 23.99 -8.33
N ALA B 335 -13.39 24.86 -8.90
CA ALA B 335 -12.90 25.99 -8.13
C ALA B 335 -14.08 26.83 -7.68
N THR B 336 -13.91 27.48 -6.54
CA THR B 336 -14.99 28.25 -5.90
C THR B 336 -14.46 29.61 -5.49
N PRO B 337 -14.46 30.57 -6.41
CA PRO B 337 -14.00 31.91 -6.05
C PRO B 337 -14.96 32.59 -5.07
N PHE B 338 -14.38 33.33 -4.13
CA PHE B 338 -15.16 34.16 -3.23
C PHE B 338 -15.44 35.52 -3.86
N ASP B 339 -16.33 36.29 -3.23
CA ASP B 339 -16.80 37.53 -3.82
C ASP B 339 -15.73 38.61 -3.68
N ARG B 340 -15.33 39.21 -4.81
CA ARG B 340 -14.25 40.19 -4.77
C ARG B 340 -14.53 41.30 -3.76
N GLY B 341 -15.76 41.80 -3.72
CA GLY B 341 -16.09 42.89 -2.82
C GLY B 341 -16.00 42.51 -1.35
N CYS B 342 -16.54 41.34 -0.98
CA CYS B 342 -16.44 40.90 0.42
C CYS B 342 -15.00 40.59 0.79
N VAL B 343 -14.22 40.02 -0.14
CA VAL B 343 -12.81 39.75 0.13
C VAL B 343 -12.06 41.06 0.36
N GLU B 344 -12.42 42.09 -0.43
CA GLU B 344 -11.77 43.39 -0.27
CA GLU B 344 -11.74 43.36 -0.26
C GLU B 344 -12.06 44.01 1.08
N LEU B 345 -13.25 43.74 1.66
CA LEU B 345 -13.52 44.27 3.01
C LEU B 345 -12.59 43.62 4.03
N VAL B 346 -12.35 42.32 3.89
CA VAL B 346 -11.42 41.62 4.77
C VAL B 346 -10.04 42.24 4.68
N ALA B 347 -9.56 42.45 3.45
CA ALA B 347 -8.25 43.04 3.23
C ALA B 347 -8.19 44.44 3.85
N ARG B 348 -9.22 45.26 3.62
CA ARG B 348 -9.17 46.63 4.12
C ARG B 348 -9.14 46.64 5.64
N ALA B 349 -9.88 45.74 6.29
CA ALA B 349 -9.86 45.71 7.75
C ALA B 349 -8.48 45.31 8.24
N ALA B 350 -7.88 44.30 7.60
CA ALA B 350 -6.52 43.92 8.01
C ALA B 350 -5.55 45.09 7.83
N GLU B 351 -5.68 45.80 6.71
CA GLU B 351 -4.74 46.88 6.46
C GLU B 351 -4.95 48.03 7.44
N ALA B 352 -6.21 48.32 7.78
CA ALA B 352 -6.48 49.43 8.69
C ALA B 352 -5.82 49.22 10.05
N PHE B 353 -5.83 47.97 10.54
CA PHE B 353 -5.21 47.61 11.80
C PHE B 353 -3.69 47.43 11.70
N GLY B 354 -3.16 47.41 10.48
CA GLY B 354 -1.73 47.17 10.37
C GLY B 354 -1.34 45.72 10.61
N TYR B 355 -2.31 44.79 10.56
CA TYR B 355 -1.97 43.38 10.74
C TYR B 355 -1.30 42.82 9.50
N THR B 356 -0.29 41.95 9.71
CA THR B 356 0.30 41.29 8.55
C THR B 356 -0.76 40.43 7.88
N ASN B 357 -0.70 40.38 6.56
CA ASN B 357 -1.80 39.77 5.82
C ASN B 357 -1.28 39.23 4.50
N GLU B 358 -1.93 38.17 4.00
CA GLU B 358 -1.63 37.71 2.65
C GLU B 358 -2.84 37.01 2.08
N ARG B 359 -2.96 37.08 0.75
CA ARG B 359 -3.98 36.32 0.05
CA ARG B 359 -4.00 36.32 0.08
C ARG B 359 -3.63 34.84 0.08
N ILE B 360 -4.64 33.99 0.29
CA ILE B 360 -4.41 32.56 0.45
C ILE B 360 -5.66 31.82 -0.02
N VAL B 361 -5.47 30.65 -0.61
CA VAL B 361 -6.62 29.85 -1.02
C VAL B 361 -7.02 28.95 0.14
N SER B 362 -8.32 28.64 0.25
CA SER B 362 -8.75 27.64 1.23
C SER B 362 -8.44 26.26 0.69
N GLY B 363 -7.54 25.53 1.38
CA GLY B 363 -7.20 24.21 0.90
C GLY B 363 -8.15 23.12 1.30
N ALA B 364 -9.12 23.39 2.16
CA ALA B 364 -10.08 22.36 2.56
C ALA B 364 -11.49 22.93 2.51
N GLY B 365 -12.48 22.04 2.64
CA GLY B 365 -13.86 22.45 2.54
C GLY B 365 -14.33 23.19 3.78
N HIS B 366 -15.28 24.10 3.57
CA HIS B 366 -15.94 24.84 4.63
C HIS B 366 -17.34 25.11 4.17
N ASP B 367 -18.22 25.41 5.12
CA ASP B 367 -19.56 25.87 4.73
C ASP B 367 -19.49 27.07 3.79
N ALA B 368 -18.50 27.94 3.97
CA ALA B 368 -18.33 29.08 3.06
C ALA B 368 -18.25 28.67 1.59
N ILE B 369 -17.69 27.48 1.30
CA ILE B 369 -17.60 27.01 -0.08
C ILE B 369 -18.99 26.89 -0.71
N LEU B 370 -19.92 26.28 0.04
CA LEU B 370 -21.29 26.14 -0.44
C LEU B 370 -21.97 27.48 -0.54
N LEU B 371 -21.79 28.34 0.47
CA LEU B 371 -22.46 29.64 0.45
C LEU B 371 -22.00 30.50 -0.72
N ALA B 372 -20.70 30.42 -1.06
CA ALA B 372 -20.13 31.30 -2.08
C ALA B 372 -20.75 31.07 -3.44
N ARG B 373 -21.34 29.90 -3.67
CA ARG B 373 -21.98 29.62 -4.94
C ARG B 373 -23.35 30.28 -5.05
N ARG B 374 -23.87 30.84 -3.95
CA ARG B 374 -25.21 31.41 -3.94
C ARG B 374 -25.21 32.85 -3.47
N VAL B 375 -24.31 33.23 -2.55
CA VAL B 375 -24.35 34.58 -2.01
C VAL B 375 -22.93 35.12 -1.88
N PRO B 376 -22.78 36.46 -1.89
CA PRO B 376 -21.43 37.04 -1.72
C PRO B 376 -20.79 36.60 -0.41
N THR B 377 -19.57 36.06 -0.53
CA THR B 377 -18.92 35.35 0.57
C THR B 377 -17.46 35.75 0.69
N ALA B 378 -16.97 35.79 1.93
CA ALA B 378 -15.53 35.95 2.16
C ALA B 378 -15.17 35.18 3.41
N MET B 379 -13.88 34.89 3.56
CA MET B 379 -13.41 34.24 4.77
C MET B 379 -12.22 34.95 5.37
N VAL B 380 -12.07 34.82 6.69
CA VAL B 380 -10.89 35.29 7.42
C VAL B 380 -10.17 34.05 7.94
N PHE B 381 -8.94 33.81 7.48
CA PHE B 381 -8.10 32.78 8.10
C PHE B 381 -7.18 33.38 9.16
N ILE B 382 -6.94 32.60 10.21
CA ILE B 382 -5.89 32.89 11.19
C ILE B 382 -4.90 31.73 11.20
N PRO B 383 -3.66 31.95 11.63
CA PRO B 383 -2.68 30.86 11.66
C PRO B 383 -3.03 29.84 12.73
N CYS B 384 -2.51 28.63 12.54
CA CYS B 384 -2.66 27.58 13.53
C CYS B 384 -1.39 26.77 13.60
N VAL B 385 -1.16 26.16 14.75
CA VAL B 385 0.08 25.39 15.00
C VAL B 385 -0.16 23.92 14.74
N GLU B 394 -4.18 20.38 17.52
CA GLU B 394 -4.36 21.65 16.82
C GLU B 394 -4.47 22.82 17.80
N ASP B 395 -4.02 24.00 17.38
CA ASP B 395 -3.97 25.10 18.33
C ASP B 395 -3.92 26.41 17.55
N ALA B 396 -4.42 27.46 18.19
CA ALA B 396 -4.28 28.82 17.71
C ALA B 396 -3.90 29.67 18.90
N LEU B 397 -3.20 30.75 18.64
CA LEU B 397 -2.71 31.61 19.71
C LEU B 397 -3.76 32.67 20.07
N PRO B 398 -3.80 33.10 21.32
CA PRO B 398 -4.85 34.05 21.73
C PRO B 398 -4.82 35.34 20.94
N ASP B 399 -3.66 35.92 20.68
CA ASP B 399 -3.64 37.17 19.91
C ASP B 399 -4.05 36.96 18.45
N ASP B 400 -3.86 35.76 17.87
CA ASP B 400 -4.33 35.55 16.52
C ASP B 400 -5.84 35.41 16.49
N VAL B 401 -6.39 34.71 17.49
CA VAL B 401 -7.83 34.62 17.65
C VAL B 401 -8.41 36.02 17.76
N THR B 402 -7.82 36.85 18.60
CA THR B 402 -8.33 38.20 18.77
C THR B 402 -8.25 38.99 17.47
N ARG B 403 -7.07 39.02 16.84
CA ARG B 403 -6.91 39.89 15.68
C ARG B 403 -7.74 39.43 14.48
N GLY B 404 -7.87 38.11 14.27
CA GLY B 404 -8.78 37.66 13.23
C GLY B 404 -10.21 38.11 13.46
N THR B 405 -10.65 38.14 14.72
CA THR B 405 -12.01 38.59 15.02
C THR B 405 -12.15 40.10 14.89
N ASN B 406 -11.10 40.88 15.20
CA ASN B 406 -11.13 42.30 14.88
C ASN B 406 -11.35 42.53 13.39
N VAL B 407 -10.69 41.71 12.54
CA VAL B 407 -10.89 41.85 11.11
C VAL B 407 -12.30 41.45 10.71
N LEU B 408 -12.78 40.32 11.26
CA LEU B 408 -14.15 39.89 10.99
C LEU B 408 -15.15 40.97 11.37
N LEU B 409 -14.97 41.53 12.57
CA LEU B 409 -15.89 42.55 13.07
C LEU B 409 -15.96 43.73 12.12
N ASN B 410 -14.81 44.20 11.65
CA ASN B 410 -14.82 45.44 10.90
C ASN B 410 -15.22 45.21 9.46
N ALA B 411 -14.93 44.03 8.91
CA ALA B 411 -15.47 43.73 7.58
C ALA B 411 -16.99 43.58 7.63
N VAL B 412 -17.52 42.90 8.66
CA VAL B 412 -18.96 42.76 8.78
C VAL B 412 -19.64 44.11 8.97
N LEU B 413 -19.06 44.99 9.81
CA LEU B 413 -19.65 46.31 10.02
CA LEU B 413 -19.66 46.30 10.02
C LEU B 413 -19.63 47.14 8.74
N ALA B 414 -18.54 47.06 7.99
CA ALA B 414 -18.51 47.78 6.72
C ALA B 414 -19.63 47.29 5.81
N ARG B 415 -19.86 45.97 5.79
CA ARG B 415 -20.89 45.42 4.91
C ARG B 415 -22.29 45.77 5.41
N ALA B 416 -22.51 45.65 6.71
CA ALA B 416 -23.83 45.86 7.28
C ALA B 416 -24.18 47.31 7.48
N GLY B 417 -23.19 48.19 7.58
CA GLY B 417 -23.47 49.58 7.86
C GLY B 417 -23.78 49.83 9.33
N VAL B 418 -23.57 51.07 9.75
CA VAL B 418 -23.82 51.47 11.12
C VAL B 418 -24.94 52.51 11.07
N ALA B 419 -26.04 52.22 11.77
CA ALA B 419 -27.17 53.13 11.80
C ALA B 419 -27.02 54.16 12.91
N THR B 420 -26.66 53.72 14.11
CA THR B 420 -26.47 54.59 15.26
C THR B 420 -25.39 54.00 16.16
N ARG B 421 -24.87 54.85 17.05
CA ARG B 421 -23.84 54.41 18.01
C ARG B 421 -23.87 55.23 19.31
#